data_3DH7
#
_entry.id   3DH7
#
_cell.length_a   142.528
_cell.length_b   142.528
_cell.length_c   109.682
_cell.angle_alpha   90.00
_cell.angle_beta   90.00
_cell.angle_gamma   120.00
#
_symmetry.space_group_name_H-M   'P 32'
#
loop_
_entity.id
_entity.type
_entity.pdbx_description
1 polymer 'Isopentenyl-diphosphate delta-isomerase'
2 non-polymer 'FLAVIN MONONUCLEOTIDE'
3 non-polymer 'PYROPHOSPHATE 2-'
4 water water
#
_entity_poly.entity_id   1
_entity_poly.type   'polypeptide(L)'
_entity_poly.pdbx_seq_one_letter_code
;MNIRERKRKHLEACLEGEVAYQKTTTGLEGFRLRYQALAGLALSEVDLTTPFLGKTLKAPFLIGAMTGGEENGERINLAL
AEAAEALGVGMMLGSGRILLERPEALRSFRVRKVAPKALLIANLGLAQLRRYGRDDLLRLVEMLEADALAFHVNPLQEAV
QRGDTDFRGLVERLAELLPLPFPVMVKEVGHGLSREAALALRDLPLAAVDVAGAGGTSWARVEEWVRFGEVRHPELCEIG
IPTARAILEVREVLPHLPLVASGGVYTGTDGAKALALGADLLAVARPLLRPALEGAERVAAWIGDYLEELRTALFAIGAR
NPKEARGRVERV
;
_entity_poly.pdbx_strand_id   A,B,C,D
#
# COMPACT_ATOMS: atom_id res chain seq x y z
N LYS A 9 23.68 -18.05 -26.39
CA LYS A 9 24.10 -16.66 -26.55
C LYS A 9 23.83 -15.93 -25.17
N HIS A 10 23.20 -14.75 -25.27
CA HIS A 10 22.17 -14.23 -24.34
C HIS A 10 20.95 -15.17 -24.21
N LEU A 11 20.56 -15.84 -25.29
CA LEU A 11 19.46 -16.80 -25.27
C LEU A 11 18.95 -17.30 -23.92
N GLU A 12 19.65 -18.23 -23.29
CA GLU A 12 19.10 -18.75 -21.99
C GLU A 12 19.33 -17.90 -20.72
N ALA A 13 19.95 -16.73 -20.82
CA ALA A 13 19.40 -15.69 -19.97
C ALA A 13 17.87 -15.62 -20.25
N CYS A 14 17.41 -15.12 -21.38
CA CYS A 14 15.95 -15.01 -21.49
C CYS A 14 15.21 -16.35 -21.41
N LEU A 15 15.96 -17.44 -21.57
CA LEU A 15 15.37 -18.75 -21.38
C LEU A 15 15.34 -19.18 -19.89
N GLU A 16 16.47 -18.98 -19.20
CA GLU A 16 16.70 -19.62 -17.89
C GLU A 16 17.04 -18.67 -16.73
N GLY A 17 17.19 -17.39 -17.01
CA GLY A 17 17.59 -16.46 -15.95
C GLY A 17 16.38 -15.88 -15.26
N GLU A 18 16.59 -15.31 -14.09
CA GLU A 18 15.56 -14.46 -13.52
C GLU A 18 15.89 -13.09 -14.00
N VAL A 19 15.59 -12.87 -15.27
CA VAL A 19 15.89 -11.60 -15.98
C VAL A 19 14.74 -10.62 -16.09
N ALA A 20 13.60 -11.02 -15.50
CA ALA A 20 12.38 -10.25 -15.43
C ALA A 20 12.54 -9.26 -14.34
N TYR A 21 12.05 -8.06 -14.54
CA TYR A 21 12.18 -7.05 -13.48
C TYR A 21 11.82 -7.62 -12.07
N GLN A 22 12.52 -7.31 -11.01
CA GLN A 22 12.08 -7.99 -9.80
C GLN A 22 11.19 -7.16 -8.95
N LYS A 23 11.19 -5.85 -9.16
CA LYS A 23 10.53 -4.97 -8.25
C LYS A 23 9.86 -3.89 -9.02
N THR A 24 10.46 -3.32 -10.04
CA THR A 24 9.64 -2.30 -10.69
C THR A 24 8.70 -3.05 -11.59
N THR A 25 7.55 -2.46 -11.79
CA THR A 25 6.58 -3.09 -12.65
C THR A 25 6.12 -2.09 -13.70
N THR A 26 5.74 -2.65 -14.82
CA THR A 26 4.97 -2.09 -15.92
C THR A 26 4.15 -0.87 -15.47
N GLY A 27 3.47 -0.99 -14.34
CA GLY A 27 2.73 0.14 -13.86
C GLY A 27 1.27 -0.09 -14.10
N LEU A 28 0.98 -1.08 -15.00
CA LEU A 28 -0.35 -1.28 -15.61
C LEU A 28 -1.32 -1.89 -14.63
N GLU A 29 -0.74 -2.44 -13.57
CA GLU A 29 -1.51 -2.96 -12.43
C GLU A 29 -2.06 -1.73 -11.66
N GLY A 30 -1.58 -0.55 -12.01
CA GLY A 30 -2.12 0.63 -11.39
C GLY A 30 -3.43 1.01 -11.99
N PHE A 31 -3.73 0.40 -13.12
CA PHE A 31 -4.81 0.90 -13.88
C PHE A 31 -5.88 -0.08 -13.89
N ARG A 32 -7.11 0.41 -13.78
CA ARG A 32 -8.22 -0.47 -13.86
C ARG A 32 -9.08 -0.11 -15.02
N LEU A 33 -9.34 -1.14 -15.79
CA LEU A 33 -10.21 -1.12 -16.98
C LEU A 33 -11.68 -0.77 -16.70
N ARG A 34 -12.20 0.32 -17.28
CA ARG A 34 -13.57 0.64 -16.86
C ARG A 34 -14.57 -0.17 -17.65
N TYR A 35 -14.81 -1.37 -17.12
CA TYR A 35 -15.72 -2.37 -17.64
C TYR A 35 -17.17 -1.88 -17.86
N GLN A 36 -17.66 -2.15 -19.06
CA GLN A 36 -18.93 -1.60 -19.48
C GLN A 36 -20.06 -2.59 -19.77
N ALA A 37 -20.76 -3.11 -18.75
CA ALA A 37 -21.83 -4.07 -19.01
C ALA A 37 -22.85 -3.55 -20.02
N LEU A 38 -23.07 -2.28 -20.05
CA LEU A 38 -24.09 -1.88 -20.86
C LEU A 38 -23.53 -1.07 -21.97
N ALA A 39 -22.34 -1.37 -22.44
CA ALA A 39 -21.78 -0.56 -23.54
C ALA A 39 -22.59 -0.81 -24.75
N GLY A 40 -23.32 -1.90 -24.68
CA GLY A 40 -24.18 -2.29 -25.77
C GLY A 40 -23.44 -2.41 -27.08
N LEU A 41 -22.41 -3.22 -27.05
CA LEU A 41 -21.81 -3.47 -28.31
C LEU A 41 -21.48 -4.94 -28.54
N ALA A 42 -20.87 -5.35 -29.62
CA ALA A 42 -20.89 -6.82 -29.91
C ALA A 42 -19.52 -7.34 -30.18
N LEU A 43 -19.08 -8.38 -29.46
CA LEU A 43 -17.68 -8.83 -29.54
C LEU A 43 -17.27 -8.79 -31.02
N SER A 44 -17.81 -9.69 -31.76
CA SER A 44 -18.37 -9.34 -33.05
C SER A 44 -17.93 -8.01 -33.73
N GLU A 45 -18.17 -6.86 -33.14
CA GLU A 45 -17.74 -5.60 -33.79
C GLU A 45 -16.47 -4.94 -33.17
N VAL A 46 -15.86 -5.56 -32.19
CA VAL A 46 -14.58 -5.03 -31.85
C VAL A 46 -13.56 -5.52 -32.86
N ASP A 47 -12.98 -4.59 -33.64
CA ASP A 47 -12.11 -4.81 -34.81
C ASP A 47 -10.62 -4.56 -34.60
N LEU A 48 -9.77 -5.58 -34.39
CA LEU A 48 -8.33 -5.26 -34.15
C LEU A 48 -7.53 -4.53 -35.30
N THR A 49 -8.20 -4.19 -36.41
CA THR A 49 -7.45 -3.78 -37.61
C THR A 49 -6.83 -2.41 -37.38
N THR A 50 -5.49 -2.34 -37.48
CA THR A 50 -4.69 -1.18 -37.11
C THR A 50 -3.49 -1.18 -38.05
N PRO A 51 -3.43 -0.16 -38.96
CA PRO A 51 -2.42 0.11 -39.95
C PRO A 51 -1.19 0.71 -39.22
N PHE A 52 0.00 0.48 -39.77
CA PHE A 52 1.20 0.76 -39.05
C PHE A 52 2.40 0.71 -39.99
N LEU A 53 3.19 1.80 -39.87
CA LEU A 53 4.42 1.91 -40.64
C LEU A 53 4.14 1.53 -42.02
N GLY A 54 3.01 1.95 -42.60
CA GLY A 54 2.68 1.67 -44.01
C GLY A 54 1.89 0.43 -44.40
N LYS A 55 2.06 -0.68 -43.70
CA LYS A 55 1.28 -1.81 -44.06
C LYS A 55 0.18 -1.89 -43.01
N THR A 56 -0.96 -2.58 -43.27
CA THR A 56 -2.12 -2.79 -42.31
C THR A 56 -2.05 -4.10 -41.51
N LEU A 57 -1.75 -4.03 -40.22
CA LEU A 57 -1.83 -5.20 -39.37
C LEU A 57 -3.25 -5.71 -39.10
N LYS A 58 -3.40 -7.02 -38.87
CA LYS A 58 -4.71 -7.67 -38.58
C LYS A 58 -5.12 -7.48 -37.12
N ALA A 59 -4.15 -7.09 -36.26
CA ALA A 59 -4.31 -6.62 -34.84
C ALA A 59 -3.13 -5.71 -34.49
N PRO A 60 -3.23 -4.83 -33.42
CA PRO A 60 -2.14 -3.90 -33.08
C PRO A 60 -1.02 -4.60 -32.34
N PHE A 61 -0.44 -5.65 -32.91
CA PHE A 61 0.60 -6.40 -32.25
C PHE A 61 1.92 -6.37 -32.99
N LEU A 62 3.03 -6.23 -32.31
CA LEU A 62 4.26 -6.57 -32.99
C LEU A 62 4.99 -7.59 -32.14
N ILE A 63 5.54 -8.60 -32.83
CA ILE A 63 6.26 -9.64 -32.15
C ILE A 63 7.45 -8.87 -31.95
N GLY A 64 8.06 -9.03 -30.81
CA GLY A 64 9.09 -8.13 -30.39
C GLY A 64 10.42 -8.51 -30.95
N ALA A 65 11.33 -7.56 -30.95
CA ALA A 65 12.68 -7.78 -31.41
C ALA A 65 13.38 -8.82 -30.56
N MET A 66 13.91 -9.87 -31.17
CA MET A 66 14.60 -10.90 -30.37
C MET A 66 15.80 -11.49 -31.04
N THR A 67 16.63 -12.14 -30.21
CA THR A 67 17.85 -12.94 -30.56
C THR A 67 18.56 -13.61 -29.32
N GLU A 74 17.53 -17.47 -34.85
CA GLU A 74 17.82 -17.53 -36.30
C GLU A 74 16.99 -18.70 -36.98
N ARG A 75 16.45 -19.56 -36.08
CA ARG A 75 15.42 -20.63 -36.33
C ARG A 75 14.18 -20.30 -35.48
N ILE A 76 14.46 -19.72 -34.30
CA ILE A 76 13.49 -18.87 -33.57
C ILE A 76 12.88 -17.79 -34.54
N ASN A 77 13.67 -16.95 -35.18
CA ASN A 77 13.14 -15.95 -36.13
C ASN A 77 12.17 -16.52 -37.19
N LEU A 78 12.28 -17.79 -37.56
CA LEU A 78 11.45 -18.32 -38.67
C LEU A 78 10.07 -18.73 -38.21
N ALA A 79 10.06 -19.27 -37.00
CA ALA A 79 8.87 -19.50 -36.23
C ALA A 79 8.02 -18.22 -36.19
N LEU A 80 8.55 -17.14 -35.55
CA LEU A 80 7.81 -15.91 -35.35
C LEU A 80 7.42 -15.44 -36.70
N ALA A 81 8.41 -15.24 -37.55
CA ALA A 81 8.09 -14.73 -38.88
C ALA A 81 6.87 -15.44 -39.48
N GLU A 82 6.86 -16.73 -39.48
CA GLU A 82 5.69 -17.38 -40.01
C GLU A 82 4.42 -16.99 -39.29
N ALA A 83 4.47 -17.12 -37.94
CA ALA A 83 3.35 -16.78 -37.01
C ALA A 83 2.87 -15.42 -37.38
N ALA A 84 3.84 -14.48 -37.45
CA ALA A 84 3.53 -13.16 -37.98
C ALA A 84 2.59 -13.36 -39.16
N GLU A 85 3.04 -13.83 -40.32
CA GLU A 85 2.07 -13.98 -41.47
C GLU A 85 0.74 -14.56 -41.10
N ALA A 86 0.69 -15.70 -40.43
CA ALA A 86 -0.55 -16.41 -40.33
C ALA A 86 -1.49 -15.47 -39.66
N LEU A 87 -0.96 -14.63 -38.76
CA LEU A 87 -1.77 -14.01 -37.73
C LEU A 87 -2.12 -12.54 -38.02
N GLY A 88 -1.33 -11.92 -38.91
CA GLY A 88 -1.50 -10.57 -39.43
C GLY A 88 -0.81 -9.55 -38.51
N VAL A 89 0.22 -10.00 -37.80
CA VAL A 89 0.81 -9.12 -36.82
C VAL A 89 2.17 -8.61 -37.38
N GLY A 90 2.73 -7.53 -36.81
CA GLY A 90 4.03 -7.04 -37.21
C GLY A 90 5.11 -7.84 -36.52
N MET A 91 6.35 -7.54 -36.91
CA MET A 91 7.54 -8.20 -36.35
C MET A 91 8.83 -7.45 -36.59
N MET A 92 9.52 -7.19 -35.48
CA MET A 92 10.89 -6.75 -35.52
C MET A 92 11.72 -7.96 -35.69
N LEU A 93 12.63 -7.86 -36.68
CA LEU A 93 13.74 -8.76 -36.91
C LEU A 93 14.61 -8.27 -35.84
N GLY A 94 15.56 -9.11 -35.34
CA GLY A 94 16.55 -8.73 -34.30
C GLY A 94 17.62 -7.86 -34.95
N SER A 95 18.68 -7.55 -34.18
CA SER A 95 19.72 -6.58 -34.61
C SER A 95 20.44 -7.00 -35.94
N GLY A 96 20.27 -6.20 -37.01
CA GLY A 96 20.96 -6.41 -38.30
C GLY A 96 22.45 -6.34 -38.10
N ARG A 97 22.80 -6.10 -36.83
CA ARG A 97 24.12 -6.16 -36.16
C ARG A 97 25.22 -6.57 -37.07
N ILE A 98 25.47 -7.89 -37.00
CA ILE A 98 26.42 -8.68 -37.78
C ILE A 98 26.31 -8.33 -39.26
N LEU A 99 25.12 -8.64 -39.81
CA LEU A 99 24.78 -8.54 -41.24
C LEU A 99 25.48 -7.41 -42.01
N LEU A 100 25.30 -6.16 -41.54
CA LEU A 100 25.75 -5.00 -42.31
C LEU A 100 27.27 -4.75 -42.27
N GLU A 101 28.03 -5.61 -41.59
CA GLU A 101 29.49 -5.62 -41.68
C GLU A 101 30.04 -7.02 -41.38
N ARG A 102 29.22 -8.04 -41.63
CA ARG A 102 29.66 -9.46 -41.84
C ARG A 102 28.81 -9.95 -43.02
N PRO A 103 28.96 -9.17 -44.12
CA PRO A 103 27.96 -8.83 -45.15
C PRO A 103 26.80 -9.81 -45.25
N GLU A 104 27.15 -11.10 -45.21
CA GLU A 104 26.23 -12.25 -44.99
C GLU A 104 24.93 -12.44 -45.83
N ALA A 105 23.75 -12.40 -45.18
CA ALA A 105 22.60 -13.18 -45.68
C ALA A 105 21.25 -12.49 -45.92
N LEU A 106 20.54 -13.03 -46.92
CA LEU A 106 19.09 -12.77 -47.25
C LEU A 106 17.98 -13.70 -46.61
N ARG A 107 18.02 -15.05 -46.65
CA ARG A 107 19.14 -16.05 -46.66
C ARG A 107 19.49 -16.47 -45.22
N SER A 108 19.92 -15.52 -44.39
CA SER A 108 19.92 -15.69 -42.92
C SER A 108 20.05 -14.33 -42.21
N PHE A 109 19.33 -14.09 -41.08
CA PHE A 109 18.35 -15.01 -40.41
C PHE A 109 17.24 -15.36 -41.40
N ARG A 110 16.77 -14.32 -42.10
CA ARG A 110 15.87 -14.30 -43.31
C ARG A 110 15.06 -13.02 -43.19
N VAL A 111 13.70 -13.06 -43.18
CA VAL A 111 12.76 -14.15 -42.78
C VAL A 111 11.62 -14.22 -43.79
N ARG A 112 11.80 -13.50 -44.90
CA ARG A 112 10.68 -13.13 -45.80
C ARG A 112 10.22 -14.23 -46.75
N LYS A 113 11.00 -15.29 -46.90
CA LYS A 113 10.56 -16.41 -47.70
C LYS A 113 9.38 -17.20 -47.06
N VAL A 114 9.34 -17.19 -45.73
CA VAL A 114 8.40 -18.00 -44.95
C VAL A 114 7.32 -16.99 -44.60
N ALA A 115 7.59 -15.71 -44.88
CA ALA A 115 6.65 -14.58 -44.53
C ALA A 115 6.50 -13.39 -45.51
N PRO A 116 5.93 -13.60 -46.72
CA PRO A 116 5.99 -12.48 -47.70
C PRO A 116 5.32 -11.16 -47.31
N LYS A 117 4.01 -11.20 -47.09
CA LYS A 117 3.18 -9.98 -46.96
C LYS A 117 3.32 -9.19 -45.60
N ALA A 118 3.84 -9.89 -44.60
CA ALA A 118 3.89 -9.47 -43.17
C ALA A 118 4.71 -8.21 -43.00
N LEU A 119 4.41 -7.37 -41.99
CA LEU A 119 5.18 -6.14 -41.83
C LEU A 119 6.45 -6.45 -41.02
N LEU A 120 7.63 -6.18 -41.58
CA LEU A 120 8.90 -6.56 -40.93
C LEU A 120 9.63 -5.35 -40.57
N ILE A 121 9.88 -5.17 -39.28
CA ILE A 121 10.64 -3.99 -38.90
C ILE A 121 12.04 -4.47 -38.59
N ALA A 122 13.04 -3.78 -39.08
CA ALA A 122 14.44 -4.26 -38.94
C ALA A 122 15.19 -3.40 -37.94
N ASN A 123 16.00 -4.01 -37.10
CA ASN A 123 16.60 -3.10 -36.22
C ASN A 123 18.07 -3.14 -35.90
N LEU A 124 18.51 -2.06 -35.26
CA LEU A 124 19.82 -1.67 -35.50
C LEU A 124 20.43 -0.93 -34.31
N GLY A 125 19.71 -0.05 -33.67
CA GLY A 125 20.47 0.46 -32.52
C GLY A 125 21.21 1.69 -32.94
N LEU A 126 20.81 2.77 -32.30
CA LEU A 126 21.16 4.05 -32.70
C LEU A 126 22.66 4.15 -32.71
N ALA A 127 23.34 3.41 -31.80
CA ALA A 127 24.82 3.35 -31.75
C ALA A 127 25.52 3.10 -33.10
N GLN A 128 25.04 2.21 -33.95
CA GLN A 128 25.72 2.02 -35.23
C GLN A 128 25.70 3.25 -36.05
N LEU A 129 24.77 4.15 -35.84
CA LEU A 129 24.88 5.36 -36.61
C LEU A 129 26.32 5.97 -36.55
N ARG A 130 26.99 5.85 -35.39
CA ARG A 130 28.43 6.07 -35.22
C ARG A 130 29.21 5.55 -36.43
N ARG A 131 28.95 4.32 -36.87
CA ARG A 131 29.68 3.77 -38.00
C ARG A 131 28.84 3.24 -39.22
N TYR A 132 27.55 3.61 -39.37
CA TYR A 132 26.85 3.27 -40.63
C TYR A 132 26.20 4.41 -41.27
N GLY A 133 26.30 4.40 -42.59
CA GLY A 133 26.12 5.60 -43.37
C GLY A 133 24.73 5.45 -43.80
N ARG A 134 24.07 6.57 -44.12
CA ARG A 134 22.71 6.50 -44.68
C ARG A 134 22.60 5.36 -45.66
N ASP A 135 23.67 5.14 -46.37
CA ASP A 135 23.59 4.24 -47.45
C ASP A 135 23.70 2.78 -47.02
N ASP A 136 24.34 2.55 -45.91
CA ASP A 136 24.42 1.23 -45.28
C ASP A 136 23.08 0.77 -44.71
N LEU A 137 22.19 1.74 -44.54
CA LEU A 137 20.99 1.53 -43.82
C LEU A 137 20.01 1.04 -44.85
N LEU A 138 19.98 1.65 -46.06
CA LEU A 138 19.05 1.24 -47.19
C LEU A 138 19.33 -0.17 -47.62
N ARG A 139 20.63 -0.39 -47.80
CA ARG A 139 21.24 -1.70 -47.88
C ARG A 139 20.75 -2.65 -46.83
N LEU A 140 21.02 -2.38 -45.57
CA LEU A 140 20.47 -3.31 -44.55
C LEU A 140 18.97 -3.67 -44.81
N VAL A 141 18.20 -2.62 -44.91
CA VAL A 141 16.80 -2.66 -44.96
C VAL A 141 16.47 -3.61 -46.10
N GLU A 142 17.02 -3.42 -47.31
CA GLU A 142 16.66 -4.35 -48.42
C GLU A 142 17.38 -5.66 -48.41
N MET A 143 18.61 -5.70 -47.90
CA MET A 143 19.27 -6.98 -47.65
C MET A 143 18.21 -7.85 -46.90
N LEU A 144 17.57 -7.22 -45.91
CA LEU A 144 16.54 -7.86 -45.06
C LEU A 144 15.16 -7.97 -45.64
N GLU A 145 14.94 -7.15 -46.68
CA GLU A 145 13.64 -6.89 -47.35
C GLU A 145 12.64 -6.41 -46.34
N ALA A 146 13.08 -5.55 -45.44
CA ALA A 146 12.25 -5.11 -44.38
C ALA A 146 11.43 -3.92 -44.90
N ASP A 147 10.46 -3.46 -44.06
CA ASP A 147 9.45 -2.41 -44.34
C ASP A 147 9.68 -1.08 -43.61
N ALA A 148 10.51 -1.14 -42.59
CA ALA A 148 10.91 0.02 -41.83
C ALA A 148 12.12 -0.42 -41.02
N LEU A 149 12.63 0.53 -40.22
CA LEU A 149 13.83 0.43 -39.37
C LEU A 149 13.50 1.06 -38.03
N ALA A 150 13.94 0.36 -37.00
CA ALA A 150 13.75 0.71 -35.61
C ALA A 150 15.15 0.74 -35.21
N PHE A 151 15.57 1.85 -34.64
CA PHE A 151 16.83 1.94 -33.88
C PHE A 151 16.49 1.80 -32.43
N HIS A 152 17.05 0.78 -31.81
CA HIS A 152 16.90 0.68 -30.36
C HIS A 152 17.90 1.54 -29.61
N VAL A 153 17.51 2.26 -28.58
CA VAL A 153 18.55 2.99 -27.87
C VAL A 153 18.72 2.45 -26.49
N ASN A 154 19.92 2.17 -26.06
CA ASN A 154 19.95 1.25 -24.93
C ASN A 154 21.14 1.28 -23.99
N PRO A 155 21.37 2.49 -23.41
CA PRO A 155 22.50 3.01 -22.67
C PRO A 155 22.75 2.11 -21.44
N LEU A 156 21.65 1.89 -20.71
CA LEU A 156 21.81 1.17 -19.50
C LEU A 156 22.22 -0.25 -19.82
N GLN A 157 21.47 -0.89 -20.68
CA GLN A 157 21.93 -2.20 -21.11
C GLN A 157 23.40 -2.10 -21.45
N GLU A 158 23.74 -1.07 -22.22
CA GLU A 158 25.03 -1.07 -22.87
C GLU A 158 26.04 -1.06 -21.76
N ALA A 159 25.87 -0.13 -20.79
CA ALA A 159 26.75 0.00 -19.60
C ALA A 159 26.92 -1.30 -18.89
N VAL A 160 25.82 -1.90 -18.47
CA VAL A 160 25.88 -3.15 -17.75
C VAL A 160 26.69 -4.17 -18.48
N GLN A 161 26.51 -4.22 -19.79
CA GLN A 161 27.10 -5.23 -20.63
C GLN A 161 28.57 -5.02 -20.82
N ARG A 162 29.13 -3.93 -20.31
CA ARG A 162 30.50 -3.50 -20.72
C ARG A 162 30.65 -3.62 -22.26
N GLY A 163 29.58 -3.25 -22.99
CA GLY A 163 29.58 -3.02 -24.45
C GLY A 163 29.80 -1.53 -24.70
N ASP A 164 29.55 -1.09 -25.96
CA ASP A 164 30.00 0.23 -26.42
C ASP A 164 29.15 1.22 -25.70
N THR A 165 29.79 2.18 -25.08
CA THR A 165 29.11 2.94 -24.10
C THR A 165 28.92 4.38 -24.52
N ASP A 166 29.06 4.71 -25.80
CA ASP A 166 29.08 6.11 -26.15
C ASP A 166 27.83 6.67 -26.92
N PHE A 167 26.81 7.14 -26.20
CA PHE A 167 25.62 7.65 -26.89
C PHE A 167 25.67 9.16 -27.18
N ARG A 168 26.88 9.62 -27.36
CA ARG A 168 27.10 10.99 -27.52
C ARG A 168 26.58 11.32 -28.93
N GLY A 169 25.85 12.41 -29.05
CA GLY A 169 25.34 12.85 -30.33
C GLY A 169 24.81 11.83 -31.32
N LEU A 170 24.03 10.84 -30.86
CA LEU A 170 23.40 9.88 -31.77
C LEU A 170 22.13 10.41 -32.37
N VAL A 171 21.51 11.39 -31.73
CA VAL A 171 20.23 11.85 -32.20
C VAL A 171 20.37 12.91 -33.24
N GLU A 172 21.55 13.50 -33.43
CA GLU A 172 21.67 14.48 -34.54
C GLU A 172 22.12 13.56 -35.60
N ARG A 173 22.98 12.62 -35.28
CA ARG A 173 23.25 11.70 -36.32
C ARG A 173 21.93 11.15 -36.94
N LEU A 174 20.93 10.85 -36.11
CA LEU A 174 19.65 10.34 -36.60
C LEU A 174 18.98 11.53 -37.21
N ALA A 175 18.95 12.63 -36.47
CA ALA A 175 18.41 13.89 -36.99
C ALA A 175 18.82 14.22 -38.41
N GLU A 176 20.10 14.17 -38.74
CA GLU A 176 20.54 14.66 -40.07
C GLU A 176 20.28 13.60 -41.12
N LEU A 177 20.50 12.33 -40.80
CA LEU A 177 20.24 11.50 -41.91
C LEU A 177 18.86 11.13 -42.01
N LEU A 178 17.92 11.95 -41.53
CA LEU A 178 16.53 11.44 -41.45
C LEU A 178 15.73 11.09 -42.72
N PRO A 179 14.69 11.92 -43.07
CA PRO A 179 13.53 11.18 -43.74
C PRO A 179 14.18 10.12 -44.65
N LEU A 180 14.28 8.85 -44.26
CA LEU A 180 14.99 7.81 -45.03
C LEU A 180 13.89 7.20 -45.92
N PRO A 181 14.23 6.38 -46.91
CA PRO A 181 13.18 5.93 -47.80
C PRO A 181 12.14 5.06 -47.14
N PHE A 182 12.52 4.35 -46.09
CA PHE A 182 11.60 3.43 -45.39
C PHE A 182 11.26 4.25 -44.17
N PRO A 183 10.11 3.97 -43.52
CA PRO A 183 9.87 4.59 -42.19
C PRO A 183 10.77 4.05 -41.04
N VAL A 184 10.95 4.85 -40.02
CA VAL A 184 12.00 4.66 -39.07
C VAL A 184 11.47 5.00 -37.65
N MET A 185 11.61 4.06 -36.75
CA MET A 185 11.19 4.32 -35.36
C MET A 185 12.40 4.25 -34.48
N VAL A 186 12.44 5.12 -33.47
CA VAL A 186 13.24 4.91 -32.21
C VAL A 186 12.43 3.99 -31.17
N LYS A 187 13.06 2.93 -30.68
CA LYS A 187 12.50 2.09 -29.56
C LYS A 187 13.51 2.00 -28.50
N GLU A 188 13.18 1.99 -27.24
CA GLU A 188 14.20 1.51 -26.30
C GLU A 188 14.11 0.00 -26.17
N VAL A 189 14.63 -0.63 -25.12
CA VAL A 189 14.54 -2.13 -24.95
C VAL A 189 13.95 -2.66 -23.58
N GLY A 190 13.18 -1.88 -22.86
CA GLY A 190 12.72 -2.44 -21.61
C GLY A 190 13.25 -1.66 -20.42
N HIS A 191 14.16 -0.69 -20.67
CA HIS A 191 14.27 0.27 -19.61
C HIS A 191 13.60 1.56 -20.01
N GLY A 192 12.94 1.62 -21.17
CA GLY A 192 11.84 2.61 -21.39
C GLY A 192 12.15 4.02 -21.85
N LEU A 193 11.31 4.67 -22.64
CA LEU A 193 11.66 6.08 -22.92
C LEU A 193 11.02 7.08 -21.98
N SER A 194 11.77 7.98 -21.40
CA SER A 194 11.22 9.05 -20.66
C SER A 194 10.52 10.13 -21.47
N ARG A 195 9.85 11.03 -20.74
CA ARG A 195 9.35 12.27 -21.32
C ARG A 195 10.49 13.01 -21.98
N GLU A 196 11.61 13.16 -21.30
CA GLU A 196 12.68 13.87 -21.93
C GLU A 196 13.29 13.09 -23.08
N ALA A 197 13.50 11.76 -22.99
CA ALA A 197 13.76 10.93 -24.25
C ALA A 197 12.92 11.38 -25.42
N ALA A 198 11.63 11.34 -25.22
CA ALA A 198 10.67 11.89 -26.16
C ALA A 198 10.97 13.32 -26.69
N LEU A 199 11.33 14.22 -25.80
CA LEU A 199 11.51 15.59 -26.24
C LEU A 199 12.62 15.58 -27.31
N ALA A 200 13.62 14.70 -27.15
CA ALA A 200 14.75 14.69 -28.05
C ALA A 200 14.32 14.19 -29.42
N LEU A 201 13.32 13.32 -29.40
CA LEU A 201 12.80 12.66 -30.58
C LEU A 201 11.80 13.60 -31.18
N ARG A 202 11.49 14.71 -30.50
CA ARG A 202 10.35 15.51 -30.95
C ARG A 202 10.61 16.02 -32.31
N ASP A 203 11.82 16.21 -32.71
CA ASP A 203 11.83 16.85 -34.03
C ASP A 203 12.01 16.01 -35.27
N LEU A 204 12.90 15.04 -35.17
CA LEU A 204 12.94 13.92 -36.05
C LEU A 204 11.53 13.52 -36.45
N PRO A 205 11.33 13.50 -37.79
CA PRO A 205 10.29 12.92 -38.59
C PRO A 205 10.28 11.38 -38.46
N LEU A 206 9.95 10.89 -37.25
CA LEU A 206 9.90 9.47 -37.02
C LEU A 206 8.57 9.03 -37.49
N ALA A 207 8.46 7.73 -37.77
CA ALA A 207 7.19 7.09 -38.04
C ALA A 207 6.48 6.49 -36.86
N ALA A 208 7.12 6.37 -35.69
CA ALA A 208 6.64 5.56 -34.54
C ALA A 208 7.61 5.69 -33.43
N VAL A 209 7.17 5.54 -32.18
CA VAL A 209 8.15 5.16 -31.08
C VAL A 209 7.72 3.92 -30.39
N ASP A 210 8.71 3.13 -29.98
CA ASP A 210 8.30 2.03 -29.12
C ASP A 210 8.82 2.34 -27.73
N VAL A 211 7.92 2.65 -26.81
CA VAL A 211 8.40 3.21 -25.55
C VAL A 211 9.12 2.14 -24.69
N ALA A 212 8.94 0.86 -24.99
CA ALA A 212 9.77 -0.15 -24.43
C ALA A 212 10.11 -0.06 -22.89
N GLY A 213 9.12 -0.03 -22.02
CA GLY A 213 9.30 0.35 -20.62
C GLY A 213 9.71 -0.73 -19.61
N ALA A 214 9.85 -0.27 -18.35
CA ALA A 214 10.39 -1.12 -17.31
C ALA A 214 9.22 -2.00 -16.93
N GLY A 215 9.48 -3.18 -16.40
CA GLY A 215 8.49 -4.03 -15.85
C GLY A 215 8.38 -5.42 -16.43
N GLY A 216 9.10 -5.68 -17.50
CA GLY A 216 8.95 -6.98 -18.19
C GLY A 216 10.34 -7.49 -18.12
N THR A 217 10.96 -7.66 -19.29
CA THR A 217 12.30 -8.26 -19.25
C THR A 217 13.22 -7.08 -19.12
N SER A 218 14.19 -7.16 -18.20
CA SER A 218 15.15 -6.05 -17.86
C SER A 218 16.50 -6.23 -18.58
N TRP A 219 16.80 -5.37 -19.53
CA TRP A 219 18.00 -5.76 -20.19
C TRP A 219 19.23 -5.78 -19.29
N ALA A 220 19.30 -4.91 -18.27
CA ALA A 220 20.42 -4.91 -17.32
C ALA A 220 20.50 -6.29 -16.66
N ARG A 221 19.46 -6.70 -15.92
CA ARG A 221 19.45 -8.03 -15.35
C ARG A 221 19.88 -9.05 -16.41
N VAL A 222 19.52 -8.89 -17.69
CA VAL A 222 19.98 -9.85 -18.72
C VAL A 222 21.48 -9.80 -18.78
N GLU A 223 21.97 -8.68 -19.30
CA GLU A 223 23.39 -8.36 -19.29
C GLU A 223 24.09 -8.91 -18.10
N GLU A 224 23.65 -8.53 -16.90
CA GLU A 224 24.25 -9.07 -15.71
C GLU A 224 24.25 -10.57 -15.60
N TRP A 225 23.15 -11.22 -15.90
CA TRP A 225 23.08 -12.69 -15.80
C TRP A 225 24.06 -13.37 -16.73
N VAL A 226 24.32 -12.80 -17.92
CA VAL A 226 25.53 -13.20 -18.69
C VAL A 226 26.89 -13.03 -17.92
N ARG A 227 27.39 -11.80 -17.73
CA ARG A 227 28.57 -11.54 -16.89
C ARG A 227 28.57 -12.49 -15.67
N PHE A 228 27.55 -12.45 -14.83
CA PHE A 228 27.69 -13.08 -13.57
C PHE A 228 26.82 -14.32 -13.30
N GLY A 229 25.96 -14.82 -14.20
CA GLY A 229 25.04 -15.96 -13.78
C GLY A 229 23.97 -15.64 -12.66
N GLU A 230 23.99 -14.39 -12.20
CA GLU A 230 23.11 -13.91 -11.18
C GLU A 230 23.10 -12.38 -11.33
N VAL A 231 22.13 -11.69 -10.72
CA VAL A 231 22.28 -10.22 -10.69
C VAL A 231 23.07 -9.70 -9.47
N ARG A 232 24.28 -9.25 -9.71
CA ARG A 232 25.04 -8.56 -8.70
C ARG A 232 24.47 -7.18 -8.28
N HIS A 233 23.91 -6.36 -9.18
CA HIS A 233 23.25 -5.10 -8.77
C HIS A 233 21.78 -5.06 -9.14
N PRO A 234 20.95 -5.74 -8.29
CA PRO A 234 19.52 -5.80 -8.52
C PRO A 234 19.03 -4.43 -8.95
N GLU A 235 19.35 -3.49 -8.08
CA GLU A 235 18.84 -2.15 -8.03
C GLU A 235 19.10 -1.32 -9.27
N LEU A 236 20.34 -1.28 -9.75
CA LEU A 236 20.62 -0.85 -11.13
C LEU A 236 19.66 -1.49 -12.15
N CYS A 237 19.70 -2.79 -12.17
CA CYS A 237 19.03 -3.48 -13.20
C CYS A 237 17.61 -3.05 -13.18
N GLU A 238 17.14 -2.43 -12.11
CA GLU A 238 15.74 -1.93 -12.08
C GLU A 238 15.58 -0.51 -12.46
N ILE A 239 16.65 0.20 -12.79
CA ILE A 239 16.47 1.55 -13.23
C ILE A 239 15.62 1.44 -14.48
N GLY A 240 14.75 2.38 -14.76
CA GLY A 240 13.97 2.25 -15.94
C GLY A 240 12.68 3.00 -15.78
N ILE A 241 12.05 3.39 -16.88
CA ILE A 241 10.75 3.99 -16.83
C ILE A 241 9.63 2.90 -16.97
N PRO A 242 8.84 2.73 -15.89
CA PRO A 242 7.90 1.64 -16.14
C PRO A 242 7.03 1.97 -17.41
N THR A 243 6.81 0.98 -18.31
CA THR A 243 5.81 1.02 -19.42
C THR A 243 4.60 1.96 -19.27
N ALA A 244 3.71 1.73 -18.32
CA ALA A 244 2.55 2.60 -18.26
C ALA A 244 2.98 4.07 -18.20
N ARG A 245 3.98 4.35 -17.32
CA ARG A 245 4.50 5.73 -17.11
C ARG A 245 5.13 6.23 -18.42
N ALA A 246 5.80 5.34 -19.12
CA ALA A 246 6.41 5.69 -20.40
C ALA A 246 5.31 5.99 -21.46
N ILE A 247 4.27 5.16 -21.50
CA ILE A 247 3.25 5.46 -22.46
C ILE A 247 2.72 6.88 -22.08
N LEU A 248 2.32 7.11 -20.81
CA LEU A 248 1.73 8.43 -20.46
C LEU A 248 2.68 9.53 -20.87
N GLU A 249 3.98 9.27 -20.73
CA GLU A 249 4.88 10.38 -20.62
C GLU A 249 5.26 10.72 -21.99
N VAL A 250 5.71 9.68 -22.76
CA VAL A 250 5.94 9.79 -24.20
C VAL A 250 4.75 10.31 -24.98
N ARG A 251 3.56 9.79 -24.72
CA ARG A 251 2.41 10.33 -25.38
C ARG A 251 2.23 11.81 -25.15
N GLU A 252 2.53 12.27 -23.97
CA GLU A 252 2.20 13.64 -23.61
C GLU A 252 2.91 14.60 -24.57
N VAL A 253 3.94 14.09 -25.28
CA VAL A 253 4.96 14.85 -26.00
C VAL A 253 4.98 14.52 -27.51
N LEU A 254 4.65 13.30 -27.91
CA LEU A 254 4.41 13.04 -29.32
C LEU A 254 2.94 12.59 -29.48
N PRO A 255 1.98 13.53 -29.30
CA PRO A 255 0.54 13.33 -29.52
C PRO A 255 0.15 12.55 -30.76
N HIS A 256 1.07 12.52 -31.75
CA HIS A 256 0.73 12.05 -33.08
C HIS A 256 1.42 10.83 -33.48
N LEU A 257 2.57 10.56 -32.90
CA LEU A 257 3.27 9.39 -33.36
C LEU A 257 2.59 8.14 -32.83
N PRO A 258 2.31 7.16 -33.68
CA PRO A 258 2.11 5.78 -33.29
C PRO A 258 3.02 5.32 -32.17
N LEU A 259 2.48 5.02 -30.98
CA LEU A 259 3.34 4.45 -29.88
C LEU A 259 3.20 3.00 -29.73
N VAL A 260 4.31 2.30 -29.65
CA VAL A 260 4.26 0.94 -29.22
C VAL A 260 4.40 0.78 -27.69
N ALA A 261 3.41 0.22 -27.03
CA ALA A 261 3.57 -0.09 -25.65
C ALA A 261 4.22 -1.43 -25.72
N SER A 262 5.42 -1.54 -25.15
CA SER A 262 6.02 -2.86 -25.07
C SER A 262 6.81 -2.95 -23.78
N GLY A 263 7.31 -4.11 -23.42
CA GLY A 263 8.03 -4.13 -22.14
C GLY A 263 7.03 -4.46 -21.04
N GLY A 264 6.94 -5.74 -20.72
CA GLY A 264 6.03 -6.13 -19.72
C GLY A 264 4.59 -6.32 -20.12
N VAL A 265 4.15 -5.95 -21.32
CA VAL A 265 2.74 -6.00 -21.75
C VAL A 265 2.42 -7.42 -22.22
N TYR A 266 2.35 -8.32 -21.27
CA TYR A 266 2.48 -9.76 -21.55
C TYR A 266 1.14 -10.44 -21.67
N THR A 267 0.07 -9.65 -21.54
CA THR A 267 -1.27 -10.22 -21.64
C THR A 267 -2.31 -9.28 -22.22
N GLY A 268 -2.96 -9.69 -23.28
CA GLY A 268 -4.04 -8.84 -23.84
C GLY A 268 -4.79 -7.91 -22.95
N THR A 269 -5.09 -8.34 -21.73
CA THR A 269 -5.73 -7.44 -20.79
C THR A 269 -4.84 -6.26 -20.52
N ASP A 270 -3.63 -6.50 -20.04
CA ASP A 270 -2.62 -5.42 -20.07
C ASP A 270 -2.39 -4.80 -21.39
N GLY A 271 -2.42 -5.56 -22.49
CA GLY A 271 -2.55 -4.94 -23.76
C GLY A 271 -3.58 -3.82 -23.79
N ALA A 272 -4.80 -4.08 -23.45
CA ALA A 272 -5.82 -3.07 -23.43
C ALA A 272 -5.53 -1.90 -22.53
N LYS A 273 -4.95 -2.24 -21.39
CA LYS A 273 -4.65 -1.27 -20.42
C LYS A 273 -3.68 -0.30 -21.06
N ALA A 274 -2.62 -0.81 -21.67
CA ALA A 274 -1.68 -0.02 -22.44
C ALA A 274 -2.38 0.79 -23.53
N LEU A 275 -3.13 0.12 -24.37
CA LEU A 275 -3.93 0.72 -25.42
C LEU A 275 -4.69 1.93 -24.91
N ALA A 276 -5.27 1.77 -23.75
CA ALA A 276 -6.08 2.83 -23.22
C ALA A 276 -5.26 3.88 -22.52
N LEU A 277 -4.03 3.59 -22.10
CA LEU A 277 -3.13 4.66 -21.63
C LEU A 277 -2.55 5.44 -22.76
N GLY A 278 -2.97 5.14 -23.97
CA GLY A 278 -2.73 5.99 -25.10
C GLY A 278 -1.76 5.37 -26.08
N ALA A 279 -1.42 4.09 -25.95
CA ALA A 279 -0.64 3.37 -26.97
C ALA A 279 -1.49 3.05 -28.23
N ASP A 280 -0.90 2.50 -29.29
CA ASP A 280 -1.64 2.29 -30.58
C ASP A 280 -1.42 0.90 -31.07
N LEU A 281 -0.21 0.44 -30.73
CA LEU A 281 0.34 -0.83 -31.00
C LEU A 281 0.93 -1.40 -29.72
N LEU A 282 1.35 -2.66 -29.75
CA LEU A 282 1.65 -3.36 -28.51
C LEU A 282 2.72 -4.37 -28.85
N ALA A 283 3.66 -4.63 -27.97
CA ALA A 283 4.62 -5.59 -28.43
C ALA A 283 5.14 -6.49 -27.40
N VAL A 284 5.28 -7.75 -27.80
CA VAL A 284 5.86 -8.73 -26.91
C VAL A 284 7.14 -9.36 -27.39
N ALA A 285 8.13 -9.39 -26.52
CA ALA A 285 9.27 -10.27 -26.78
C ALA A 285 9.50 -11.47 -25.86
N ARG A 286 10.10 -11.27 -24.68
CA ARG A 286 10.63 -12.40 -23.85
C ARG A 286 9.64 -13.57 -23.83
N PRO A 287 8.35 -13.28 -23.54
CA PRO A 287 7.46 -14.40 -23.42
C PRO A 287 7.21 -15.06 -24.73
N LEU A 288 7.51 -14.38 -25.82
CA LEU A 288 7.18 -14.93 -27.11
C LEU A 288 8.28 -15.98 -27.49
N LEU A 289 9.26 -16.11 -26.62
CA LEU A 289 10.52 -16.60 -27.07
C LEU A 289 10.53 -18.07 -26.97
N ARG A 290 9.78 -18.61 -26.06
CA ARG A 290 9.89 -20.03 -25.86
C ARG A 290 8.90 -20.72 -26.77
N PRO A 291 7.67 -20.18 -26.91
CA PRO A 291 6.88 -20.67 -28.08
C PRO A 291 7.73 -20.62 -29.35
N ALA A 292 8.60 -19.61 -29.43
CA ALA A 292 9.39 -19.39 -30.61
C ALA A 292 10.23 -20.62 -30.77
N LEU A 293 10.75 -21.17 -29.65
CA LEU A 293 11.42 -22.52 -29.65
C LEU A 293 10.49 -23.74 -29.99
N GLU A 294 9.37 -24.02 -29.31
CA GLU A 294 8.50 -25.12 -29.81
C GLU A 294 7.94 -24.79 -31.17
N GLY A 295 8.37 -23.63 -31.70
CA GLY A 295 8.04 -23.15 -33.04
C GLY A 295 6.71 -22.52 -33.48
N ALA A 296 6.66 -22.26 -34.78
CA ALA A 296 5.83 -21.25 -35.40
C ALA A 296 4.34 -21.40 -35.24
N GLU A 297 3.95 -22.56 -34.82
CA GLU A 297 2.57 -22.87 -34.86
C GLU A 297 2.06 -22.58 -33.46
N ARG A 298 2.88 -22.84 -32.46
CA ARG A 298 2.41 -22.58 -31.12
C ARG A 298 2.83 -21.18 -30.63
N VAL A 299 3.66 -20.51 -31.40
CA VAL A 299 3.84 -19.07 -31.22
C VAL A 299 2.50 -18.51 -31.69
N ALA A 300 2.01 -18.97 -32.81
CA ALA A 300 0.73 -18.54 -33.29
C ALA A 300 -0.36 -18.67 -32.25
N ALA A 301 -0.35 -19.83 -31.61
CA ALA A 301 -1.22 -20.11 -30.48
C ALA A 301 -1.09 -18.96 -29.48
N TRP A 302 0.09 -18.81 -28.90
CA TRP A 302 0.33 -17.74 -27.97
C TRP A 302 -0.33 -16.52 -28.36
N ILE A 303 0.23 -15.92 -29.41
CA ILE A 303 -0.18 -14.69 -30.03
C ILE A 303 -1.65 -14.60 -30.18
N GLY A 304 -2.26 -15.54 -30.90
CA GLY A 304 -3.71 -15.45 -31.22
C GLY A 304 -4.57 -15.48 -30.00
N ASP A 305 -4.00 -16.04 -28.95
CA ASP A 305 -4.66 -16.10 -27.65
C ASP A 305 -4.65 -14.70 -27.01
N TYR A 306 -3.52 -14.02 -27.15
CA TYR A 306 -3.32 -12.77 -26.50
C TYR A 306 -4.27 -11.85 -27.20
N LEU A 307 -4.41 -12.01 -28.53
CA LEU A 307 -5.34 -11.16 -29.26
C LEU A 307 -6.77 -11.54 -29.03
N GLU A 308 -7.03 -12.84 -28.83
CA GLU A 308 -8.39 -13.28 -28.49
C GLU A 308 -8.74 -12.61 -27.13
N GLU A 309 -7.81 -12.59 -26.14
CA GLU A 309 -7.96 -11.69 -24.96
C GLU A 309 -7.97 -10.18 -25.13
N LEU A 310 -6.98 -9.54 -25.78
CA LEU A 310 -7.19 -8.16 -26.27
C LEU A 310 -8.67 -7.83 -26.68
N ARG A 311 -9.20 -8.52 -27.69
CA ARG A 311 -10.55 -8.40 -28.16
C ARG A 311 -11.50 -8.48 -27.01
N THR A 312 -11.45 -9.50 -26.18
CA THR A 312 -12.45 -9.58 -25.10
C THR A 312 -12.44 -8.33 -24.17
N ALA A 313 -11.25 -7.84 -23.80
CA ALA A 313 -11.12 -6.80 -22.81
C ALA A 313 -11.55 -5.58 -23.48
N LEU A 314 -11.10 -5.42 -24.71
CA LEU A 314 -11.61 -4.26 -25.49
C LEU A 314 -13.16 -4.28 -25.52
N PHE A 315 -13.75 -5.45 -25.81
CA PHE A 315 -15.17 -5.64 -25.68
C PHE A 315 -15.72 -5.34 -24.25
N ALA A 316 -15.14 -5.87 -23.17
CA ALA A 316 -15.53 -5.39 -21.78
C ALA A 316 -15.64 -3.84 -21.57
N ILE A 317 -14.81 -3.07 -22.28
CA ILE A 317 -14.34 -1.74 -21.94
C ILE A 317 -15.25 -0.77 -22.57
N GLY A 318 -15.95 -1.27 -23.58
CA GLY A 318 -16.78 -0.48 -24.46
C GLY A 318 -16.13 0.04 -25.73
N ALA A 319 -14.91 -0.38 -25.99
CA ALA A 319 -14.22 0.11 -27.14
C ALA A 319 -14.43 -0.81 -28.32
N ARG A 320 -14.74 -0.21 -29.48
CA ARG A 320 -14.94 -0.94 -30.72
C ARG A 320 -13.62 -1.32 -31.43
N ASN A 321 -12.50 -0.61 -31.16
CA ASN A 321 -11.16 -0.90 -31.75
C ASN A 321 -10.06 -0.48 -30.72
N PRO A 322 -8.79 -0.82 -30.97
CA PRO A 322 -7.75 -0.28 -30.18
C PRO A 322 -7.84 1.21 -29.87
N LYS A 323 -8.10 2.14 -30.82
CA LYS A 323 -7.94 3.59 -30.48
C LYS A 323 -9.00 4.00 -29.54
N GLU A 324 -10.17 3.41 -29.71
CA GLU A 324 -11.27 3.72 -28.84
C GLU A 324 -10.96 3.33 -27.34
N ALA A 325 -9.92 2.57 -27.07
CA ALA A 325 -9.64 2.30 -25.72
C ALA A 325 -9.11 3.57 -24.94
N ARG A 326 -8.74 4.68 -25.61
CA ARG A 326 -7.91 5.75 -24.94
C ARG A 326 -8.75 6.25 -23.79
N GLY A 327 -8.26 6.21 -22.54
CA GLY A 327 -9.02 6.82 -21.47
C GLY A 327 -9.97 5.91 -20.77
N ARG A 328 -10.08 4.67 -21.23
CA ARG A 328 -11.12 3.77 -20.81
C ARG A 328 -10.59 2.98 -19.62
N VAL A 329 -9.88 3.73 -18.80
CA VAL A 329 -9.25 3.19 -17.64
C VAL A 329 -9.24 4.25 -16.58
N GLU A 330 -9.09 3.83 -15.33
CA GLU A 330 -8.99 4.67 -14.16
C GLU A 330 -7.93 4.09 -13.33
N ARG A 331 -7.46 4.93 -12.41
CA ARG A 331 -6.40 4.60 -11.43
C ARG A 331 -7.03 3.78 -10.33
N VAL A 332 -6.74 2.48 -10.28
CA VAL A 332 -7.17 1.70 -9.13
C VAL A 332 -6.24 2.15 -8.05
N LYS B 9 -22.36 -26.60 -15.97
CA LYS B 9 -21.48 -27.41 -15.02
C LYS B 9 -20.89 -26.41 -14.02
N HIS B 10 -21.40 -25.17 -14.13
CA HIS B 10 -21.14 -24.00 -13.28
C HIS B 10 -21.33 -24.26 -11.81
N LEU B 11 -22.42 -24.97 -11.51
CA LEU B 11 -22.63 -25.56 -10.21
C LEU B 11 -21.41 -26.35 -9.71
N GLU B 12 -20.96 -27.34 -10.49
CA GLU B 12 -19.75 -28.09 -10.05
C GLU B 12 -18.54 -27.13 -9.73
N ALA B 13 -18.52 -26.00 -10.44
CA ALA B 13 -17.43 -25.02 -10.43
C ALA B 13 -17.53 -24.04 -9.26
N CYS B 14 -18.75 -23.53 -9.03
CA CYS B 14 -18.98 -22.63 -7.93
C CYS B 14 -18.66 -23.33 -6.65
N LEU B 15 -18.81 -24.65 -6.69
CA LEU B 15 -18.49 -25.40 -5.50
C LEU B 15 -17.03 -25.82 -5.50
N GLU B 16 -16.53 -26.44 -6.57
CA GLU B 16 -15.14 -26.92 -6.59
C GLU B 16 -14.06 -25.93 -6.98
N GLY B 17 -14.37 -24.98 -7.87
CA GLY B 17 -13.38 -24.08 -8.45
C GLY B 17 -13.14 -22.86 -7.59
N GLU B 18 -11.93 -22.30 -7.68
CA GLU B 18 -11.53 -21.09 -6.92
C GLU B 18 -11.82 -20.03 -7.98
N VAL B 19 -13.12 -19.67 -8.00
CA VAL B 19 -13.76 -18.82 -9.00
C VAL B 19 -14.06 -17.44 -8.47
N ALA B 20 -13.69 -17.22 -7.18
CA ALA B 20 -13.80 -15.90 -6.55
C ALA B 20 -12.74 -15.04 -7.14
N TYR B 21 -13.01 -13.75 -7.30
CA TYR B 21 -11.95 -12.91 -7.87
C TYR B 21 -10.67 -13.10 -7.01
N GLN B 22 -9.50 -13.21 -7.64
CA GLN B 22 -8.23 -13.53 -6.99
C GLN B 22 -7.54 -12.24 -6.69
N LYS B 23 -7.73 -11.22 -7.50
CA LYS B 23 -6.95 -10.09 -7.20
C LYS B 23 -7.86 -8.90 -6.98
N THR B 24 -8.98 -8.76 -7.73
CA THR B 24 -9.99 -7.66 -7.51
C THR B 24 -10.76 -7.84 -6.19
N THR B 25 -11.05 -6.75 -5.46
CA THR B 25 -11.90 -6.87 -4.29
C THR B 25 -13.12 -5.96 -4.36
N THR B 26 -14.17 -6.23 -3.57
CA THR B 26 -15.36 -5.37 -3.59
C THR B 26 -14.98 -3.94 -3.22
N GLY B 27 -13.84 -3.87 -2.51
CA GLY B 27 -13.14 -2.66 -2.13
C GLY B 27 -13.96 -2.19 -0.99
N LEU B 28 -14.67 -3.11 -0.34
CA LEU B 28 -15.53 -2.70 0.75
C LEU B 28 -14.57 -2.57 1.92
N GLU B 29 -13.35 -2.99 1.70
CA GLU B 29 -12.47 -3.13 2.78
C GLU B 29 -11.72 -1.83 2.73
N GLY B 30 -12.06 -1.00 1.76
CA GLY B 30 -11.47 0.34 1.79
C GLY B 30 -12.25 1.27 2.70
N PHE B 31 -13.17 0.76 3.51
CA PHE B 31 -14.20 1.63 4.06
C PHE B 31 -14.45 1.32 5.51
N ARG B 32 -14.42 2.38 6.34
CA ARG B 32 -14.54 2.18 7.74
C ARG B 32 -15.95 2.56 8.05
N LEU B 33 -16.66 1.62 8.68
CA LEU B 33 -18.02 1.88 9.23
C LEU B 33 -17.79 2.81 10.38
N ARG B 34 -18.56 3.88 10.36
CA ARG B 34 -18.39 4.95 11.33
C ARG B 34 -19.14 4.62 12.54
N TYR B 35 -18.44 3.92 13.45
CA TYR B 35 -19.01 3.41 14.67
C TYR B 35 -19.49 4.50 15.65
N GLN B 36 -20.69 4.37 16.23
CA GLN B 36 -21.12 5.41 17.16
C GLN B 36 -21.45 4.98 18.59
N ALA B 37 -20.46 5.02 19.49
CA ALA B 37 -20.69 4.57 20.83
C ALA B 37 -21.75 5.33 21.56
N LEU B 38 -21.94 6.61 21.28
CA LEU B 38 -23.04 7.37 21.95
C LEU B 38 -24.08 7.76 20.92
N ALA B 39 -24.33 6.81 20.03
CA ALA B 39 -25.38 6.92 19.02
C ALA B 39 -26.70 6.97 19.81
N GLY B 40 -26.67 6.42 21.04
CA GLY B 40 -27.87 6.49 21.87
C GLY B 40 -29.10 5.69 21.53
N LEU B 41 -28.95 4.52 20.90
CA LEU B 41 -30.12 3.68 20.60
C LEU B 41 -30.24 2.24 21.17
N ALA B 42 -31.47 1.76 21.12
CA ALA B 42 -31.79 0.38 21.50
C ALA B 42 -31.54 -0.54 20.28
N LEU B 43 -30.72 -1.58 20.45
CA LEU B 43 -30.54 -2.62 19.45
C LEU B 43 -31.93 -3.14 19.16
N SER B 44 -32.62 -3.51 20.25
CA SER B 44 -34.04 -3.88 20.16
C SER B 44 -34.79 -3.09 19.08
N GLU B 45 -34.38 -1.87 18.68
CA GLU B 45 -35.25 -1.01 17.84
C GLU B 45 -34.71 -0.79 16.48
N VAL B 46 -33.64 -1.49 16.21
CA VAL B 46 -33.19 -1.47 14.83
C VAL B 46 -33.95 -2.50 13.94
N ASP B 47 -34.62 -1.90 12.93
CA ASP B 47 -35.69 -2.45 12.10
C ASP B 47 -35.36 -2.75 10.62
N LEU B 48 -34.90 -4.00 10.35
CA LEU B 48 -34.51 -4.45 9.00
C LEU B 48 -35.59 -4.35 7.93
N THR B 49 -36.85 -4.32 8.34
CA THR B 49 -38.01 -4.20 7.46
C THR B 49 -37.82 -3.22 6.32
N THR B 50 -37.90 -3.75 5.11
CA THR B 50 -37.68 -2.99 3.89
C THR B 50 -38.76 -3.35 2.88
N PRO B 51 -39.43 -2.32 2.34
CA PRO B 51 -40.36 -2.57 1.24
C PRO B 51 -39.54 -2.60 -0.10
N PHE B 52 -39.56 -3.73 -0.77
CA PHE B 52 -38.92 -3.89 -2.06
C PHE B 52 -39.86 -4.47 -3.11
N LEU B 53 -39.87 -3.82 -4.29
CA LEU B 53 -40.59 -4.24 -5.52
C LEU B 53 -42.04 -4.54 -5.23
N GLY B 54 -42.79 -3.52 -4.78
CA GLY B 54 -44.15 -3.76 -4.37
C GLY B 54 -44.45 -4.76 -3.26
N LYS B 55 -43.55 -5.66 -2.88
CA LYS B 55 -43.81 -6.43 -1.63
C LYS B 55 -43.20 -5.82 -0.36
N THR B 56 -43.04 -6.57 0.74
CA THR B 56 -42.48 -5.98 1.97
C THR B 56 -41.62 -7.02 2.58
N LEU B 57 -40.35 -6.73 2.87
CA LEU B 57 -39.47 -7.73 3.53
C LEU B 57 -39.01 -7.57 4.98
N LYS B 58 -38.71 -8.72 5.56
CA LYS B 58 -38.24 -8.77 6.93
C LYS B 58 -36.87 -8.12 6.99
N ALA B 59 -35.94 -8.51 6.09
CA ALA B 59 -34.57 -7.89 5.90
C ALA B 59 -34.49 -7.04 4.64
N PRO B 60 -33.45 -6.19 4.49
CA PRO B 60 -33.18 -5.64 3.12
C PRO B 60 -32.30 -6.58 2.27
N PHE B 61 -32.74 -7.80 2.00
CA PHE B 61 -31.85 -8.86 1.54
C PHE B 61 -32.53 -9.66 0.42
N LEU B 62 -31.78 -10.25 -0.51
CA LEU B 62 -32.32 -11.32 -1.36
C LEU B 62 -31.20 -12.27 -1.46
N ILE B 63 -31.46 -13.55 -1.19
CA ILE B 63 -30.78 -14.67 -1.89
C ILE B 63 -30.79 -14.35 -3.40
N GLY B 64 -29.72 -14.68 -4.11
CA GLY B 64 -29.60 -14.21 -5.49
C GLY B 64 -29.50 -15.40 -6.42
N ALA B 65 -29.53 -15.15 -7.75
CA ALA B 65 -29.74 -16.20 -8.76
C ALA B 65 -28.80 -17.45 -8.70
N MET B 66 -29.38 -18.64 -8.71
CA MET B 66 -28.55 -19.81 -8.96
C MET B 66 -29.04 -20.77 -10.09
N THR B 67 -28.49 -21.96 -10.30
CA THR B 67 -29.14 -22.76 -11.37
C THR B 67 -28.45 -24.10 -11.69
N GLU B 74 -31.70 -27.06 -8.46
CA GLU B 74 -33.15 -26.80 -8.25
C GLU B 74 -33.88 -27.68 -7.14
N ARG B 75 -33.06 -28.48 -6.43
CA ARG B 75 -33.27 -28.89 -5.02
C ARG B 75 -32.80 -27.69 -4.19
N ILE B 76 -31.57 -27.24 -4.51
CA ILE B 76 -31.02 -25.95 -4.09
C ILE B 76 -32.11 -24.85 -4.19
N ASN B 77 -32.66 -24.61 -5.35
CA ASN B 77 -33.82 -23.76 -5.45
C ASN B 77 -34.90 -23.91 -4.37
N LEU B 78 -34.96 -25.09 -3.76
CA LEU B 78 -36.14 -25.35 -2.94
C LEU B 78 -35.79 -25.03 -1.55
N ALA B 79 -34.64 -25.58 -1.15
CA ALA B 79 -33.88 -25.07 -0.03
C ALA B 79 -33.93 -23.52 0.05
N LEU B 80 -33.55 -22.82 -1.02
CA LEU B 80 -33.47 -21.36 -0.98
C LEU B 80 -34.85 -20.69 -0.79
N ALA B 81 -35.86 -21.24 -1.44
CA ALA B 81 -37.14 -20.55 -1.42
C ALA B 81 -37.80 -20.76 -0.04
N GLU B 82 -37.50 -21.93 0.56
CA GLU B 82 -37.96 -22.18 1.91
C GLU B 82 -37.49 -21.09 2.82
N ALA B 83 -36.17 -20.99 2.96
CA ALA B 83 -35.49 -19.94 3.70
C ALA B 83 -36.01 -18.55 3.33
N ALA B 84 -36.27 -18.32 2.07
CA ALA B 84 -36.79 -17.04 1.71
C ALA B 84 -38.13 -16.75 2.35
N GLU B 85 -39.04 -17.78 2.36
CA GLU B 85 -40.44 -17.74 3.04
C GLU B 85 -40.33 -17.67 4.56
N ALA B 86 -39.57 -18.62 5.12
CA ALA B 86 -39.18 -18.68 6.55
C ALA B 86 -38.64 -17.40 7.13
N LEU B 87 -38.18 -16.50 6.28
CA LEU B 87 -37.24 -15.48 6.70
C LEU B 87 -37.62 -14.04 6.45
N GLY B 88 -38.47 -13.84 5.43
CA GLY B 88 -39.03 -12.52 5.14
C GLY B 88 -38.12 -11.77 4.19
N VAL B 89 -37.21 -12.53 3.59
CA VAL B 89 -36.25 -12.09 2.60
C VAL B 89 -36.68 -12.52 1.22
N GLY B 90 -35.89 -12.05 0.22
CA GLY B 90 -36.18 -12.10 -1.24
C GLY B 90 -35.41 -13.17 -2.02
N MET B 91 -35.90 -13.47 -3.21
CA MET B 91 -35.25 -14.42 -4.00
C MET B 91 -35.34 -14.06 -5.43
N MET B 92 -34.15 -13.83 -5.99
CA MET B 92 -33.87 -13.92 -7.40
C MET B 92 -33.86 -15.42 -7.75
N LEU B 93 -34.84 -15.82 -8.59
CA LEU B 93 -34.74 -17.12 -9.25
C LEU B 93 -33.59 -17.06 -10.25
N GLY B 94 -32.83 -18.16 -10.32
CA GLY B 94 -31.91 -18.39 -11.45
C GLY B 94 -32.67 -18.29 -12.77
N SER B 95 -31.94 -18.12 -13.88
CA SER B 95 -32.52 -17.83 -15.22
C SER B 95 -33.53 -18.88 -15.74
N GLY B 96 -34.67 -18.39 -16.24
CA GLY B 96 -35.69 -19.26 -16.82
C GLY B 96 -35.63 -19.17 -18.34
N ARG B 97 -34.41 -18.95 -18.80
CA ARG B 97 -34.05 -19.32 -20.15
C ARG B 97 -34.64 -20.72 -20.47
N ILE B 98 -34.20 -21.75 -19.75
CA ILE B 98 -34.67 -23.13 -19.96
C ILE B 98 -36.16 -23.09 -19.96
N LEU B 99 -36.73 -22.60 -18.86
CA LEU B 99 -38.19 -22.43 -18.83
C LEU B 99 -38.78 -22.01 -20.14
N LEU B 100 -38.29 -20.88 -20.68
CA LEU B 100 -38.84 -20.30 -21.90
C LEU B 100 -38.68 -21.29 -23.02
N GLU B 101 -37.50 -21.83 -23.13
CA GLU B 101 -37.18 -22.90 -24.05
C GLU B 101 -38.11 -24.12 -23.99
N ARG B 102 -38.05 -24.82 -22.86
CA ARG B 102 -38.79 -26.02 -22.58
C ARG B 102 -39.88 -25.84 -21.53
N PRO B 103 -41.07 -25.36 -21.94
CA PRO B 103 -42.03 -25.06 -20.88
C PRO B 103 -42.43 -26.28 -20.06
N GLU B 104 -42.77 -27.43 -20.63
CA GLU B 104 -42.97 -28.65 -19.80
C GLU B 104 -42.00 -28.64 -18.58
N ALA B 105 -40.69 -28.77 -18.83
CA ALA B 105 -39.63 -28.68 -17.81
C ALA B 105 -39.85 -27.65 -16.66
N LEU B 106 -40.62 -26.57 -16.92
CA LEU B 106 -41.40 -25.69 -15.95
C LEU B 106 -41.75 -26.19 -14.51
N ARG B 107 -41.33 -27.40 -14.19
CA ARG B 107 -41.65 -28.04 -12.92
C ARG B 107 -40.54 -27.82 -11.82
N SER B 108 -39.69 -26.79 -11.97
CA SER B 108 -38.64 -26.47 -10.95
C SER B 108 -39.08 -25.33 -10.06
N PHE B 109 -39.39 -24.22 -10.74
CA PHE B 109 -39.92 -23.02 -10.11
C PHE B 109 -41.35 -23.23 -9.53
N ARG B 110 -41.64 -24.53 -9.28
CA ARG B 110 -42.61 -25.03 -8.29
C ARG B 110 -42.43 -24.17 -7.07
N VAL B 111 -41.16 -24.08 -6.64
CA VAL B 111 -40.69 -23.05 -5.70
C VAL B 111 -41.88 -22.33 -5.01
N ARG B 112 -42.65 -21.50 -5.76
CA ARG B 112 -43.84 -20.77 -5.26
C ARG B 112 -44.63 -21.63 -4.33
N LYS B 113 -44.47 -22.94 -4.48
CA LYS B 113 -45.12 -23.92 -3.63
C LYS B 113 -44.46 -23.93 -2.29
N VAL B 114 -43.14 -23.99 -2.23
CA VAL B 114 -42.50 -23.88 -0.92
C VAL B 114 -42.43 -22.44 -0.39
N ALA B 115 -43.00 -21.48 -1.14
CA ALA B 115 -42.85 -20.05 -0.87
C ALA B 115 -43.98 -19.22 -1.40
N PRO B 116 -45.18 -19.40 -0.82
CA PRO B 116 -46.43 -18.73 -1.16
C PRO B 116 -46.40 -17.21 -1.22
N LYS B 117 -46.02 -16.51 -0.15
CA LYS B 117 -46.11 -15.03 -0.15
C LYS B 117 -44.73 -14.33 -0.36
N ALA B 118 -43.65 -15.13 -0.47
CA ALA B 118 -42.25 -14.61 -0.60
C ALA B 118 -42.06 -13.71 -1.77
N LEU B 119 -40.84 -13.24 -1.95
CA LEU B 119 -40.56 -12.29 -3.02
C LEU B 119 -39.81 -13.09 -4.06
N LEU B 120 -40.50 -13.64 -5.06
CA LEU B 120 -39.76 -14.20 -6.16
C LEU B 120 -39.57 -13.20 -7.33
N ILE B 121 -38.27 -13.08 -7.69
CA ILE B 121 -37.82 -12.27 -8.79
C ILE B 121 -37.35 -13.20 -9.93
N ALA B 122 -37.94 -12.93 -11.11
CA ALA B 122 -37.85 -13.78 -12.27
C ALA B 122 -36.58 -13.30 -12.96
N ASN B 123 -35.80 -14.26 -13.48
CA ASN B 123 -34.51 -13.99 -14.08
C ASN B 123 -34.40 -14.21 -15.59
N LEU B 124 -33.64 -13.37 -16.28
CA LEU B 124 -33.50 -13.61 -17.72
C LEU B 124 -32.21 -13.16 -18.46
N GLY B 125 -31.71 -11.94 -18.29
CA GLY B 125 -30.54 -11.69 -19.14
C GLY B 125 -30.94 -10.82 -20.29
N LEU B 126 -30.52 -9.56 -20.20
CA LEU B 126 -30.94 -8.51 -21.07
C LEU B 126 -30.90 -9.07 -22.50
N ALA B 127 -29.79 -9.75 -22.87
CA ALA B 127 -29.55 -10.40 -24.19
C ALA B 127 -30.62 -11.38 -24.71
N GLN B 128 -31.31 -12.12 -23.87
CA GLN B 128 -32.37 -12.94 -24.35
C GLN B 128 -33.41 -12.15 -25.10
N LEU B 129 -33.56 -10.89 -24.77
CA LEU B 129 -34.43 -9.99 -25.46
C LEU B 129 -34.11 -9.93 -26.94
N ARG B 130 -33.09 -10.64 -27.40
CA ARG B 130 -32.88 -10.72 -28.85
C ARG B 130 -33.81 -11.79 -29.40
N ARG B 131 -34.58 -12.44 -28.52
CA ARG B 131 -35.25 -13.69 -28.83
C ARG B 131 -36.66 -13.74 -28.21
N TYR B 132 -36.87 -13.03 -27.15
CA TYR B 132 -38.13 -13.14 -26.49
C TYR B 132 -38.68 -11.73 -26.47
N GLY B 133 -40.01 -11.61 -26.24
CA GLY B 133 -40.75 -10.36 -26.47
C GLY B 133 -41.59 -10.12 -25.24
N ARG B 134 -42.25 -8.95 -25.17
CA ARG B 134 -43.23 -8.68 -24.10
C ARG B 134 -43.87 -10.04 -23.68
N ASP B 135 -44.58 -10.68 -24.60
CA ASP B 135 -45.38 -11.86 -24.28
C ASP B 135 -44.62 -12.98 -23.68
N ASP B 136 -43.38 -13.20 -24.15
CA ASP B 136 -42.60 -14.39 -23.70
C ASP B 136 -42.16 -14.17 -22.26
N LEU B 137 -41.97 -12.87 -21.98
CA LEU B 137 -41.59 -12.35 -20.70
C LEU B 137 -42.68 -12.62 -19.68
N LEU B 138 -43.90 -12.10 -19.93
CA LEU B 138 -45.04 -12.37 -19.03
C LEU B 138 -45.24 -13.86 -18.96
N ARG B 139 -45.38 -14.56 -20.09
CA ARG B 139 -45.45 -16.02 -19.92
C ARG B 139 -44.40 -16.52 -18.88
N LEU B 140 -43.14 -16.07 -18.96
CA LEU B 140 -42.10 -16.44 -17.97
C LEU B 140 -42.47 -16.09 -16.52
N VAL B 141 -42.97 -14.85 -16.37
CA VAL B 141 -43.26 -14.30 -15.05
C VAL B 141 -44.39 -15.08 -14.30
N GLU B 142 -45.54 -15.28 -15.00
CA GLU B 142 -46.64 -16.19 -14.64
C GLU B 142 -46.19 -17.67 -14.54
N MET B 143 -45.60 -18.23 -15.58
CA MET B 143 -45.07 -19.63 -15.55
C MET B 143 -44.57 -19.91 -14.09
N LEU B 144 -43.99 -18.84 -13.57
CA LEU B 144 -43.05 -18.91 -12.50
C LEU B 144 -43.76 -18.43 -11.30
N GLU B 145 -44.55 -17.37 -11.53
CA GLU B 145 -45.47 -16.85 -10.54
C GLU B 145 -44.66 -16.21 -9.45
N ALA B 146 -44.42 -14.95 -9.68
CA ALA B 146 -43.27 -14.30 -9.13
C ALA B 146 -43.50 -12.86 -9.54
N ASP B 147 -42.82 -11.97 -8.85
CA ASP B 147 -43.38 -10.73 -8.50
C ASP B 147 -42.78 -9.71 -9.41
N ALA B 148 -41.58 -10.04 -9.89
CA ALA B 148 -40.86 -9.15 -10.81
C ALA B 148 -39.86 -9.91 -11.63
N LEU B 149 -39.26 -9.18 -12.57
CA LEU B 149 -38.37 -9.73 -13.57
C LEU B 149 -37.14 -8.89 -13.58
N ALA B 150 -36.00 -9.54 -13.48
CA ALA B 150 -34.71 -8.86 -13.47
C ALA B 150 -33.95 -9.45 -14.62
N PHE B 151 -33.70 -8.59 -15.61
CA PHE B 151 -32.75 -8.84 -16.72
C PHE B 151 -31.35 -8.61 -16.23
N HIS B 152 -30.55 -9.67 -16.25
CA HIS B 152 -29.13 -9.51 -16.03
C HIS B 152 -28.38 -9.32 -17.33
N VAL B 153 -27.62 -8.21 -17.40
CA VAL B 153 -26.71 -7.93 -18.53
C VAL B 153 -25.32 -8.40 -18.13
N ASN B 154 -24.56 -9.00 -19.04
CA ASN B 154 -23.24 -9.59 -18.69
C ASN B 154 -22.22 -9.92 -19.86
N PRO B 155 -21.76 -8.92 -20.61
CA PRO B 155 -20.83 -9.18 -21.70
C PRO B 155 -19.56 -9.98 -21.36
N LEU B 156 -18.96 -9.73 -20.22
CA LEU B 156 -17.65 -10.22 -20.09
C LEU B 156 -17.89 -11.70 -19.75
N GLN B 157 -18.86 -12.00 -18.88
CA GLN B 157 -19.18 -13.43 -18.69
C GLN B 157 -19.41 -14.09 -20.02
N GLU B 158 -20.07 -13.39 -20.94
CA GLU B 158 -20.47 -13.95 -22.23
C GLU B 158 -19.33 -14.26 -23.12
N ALA B 159 -18.49 -13.25 -23.34
CA ALA B 159 -17.46 -13.32 -24.28
C ALA B 159 -16.57 -14.45 -23.77
N VAL B 160 -16.52 -14.72 -22.48
CA VAL B 160 -15.55 -15.68 -22.04
C VAL B 160 -16.07 -17.08 -22.28
N GLN B 161 -17.33 -17.26 -21.92
CA GLN B 161 -18.10 -18.46 -22.19
C GLN B 161 -17.91 -18.98 -23.59
N ARG B 162 -17.40 -18.13 -24.49
CA ARG B 162 -17.51 -18.32 -25.96
C ARG B 162 -19.01 -18.42 -26.19
N GLY B 163 -19.69 -17.43 -25.62
CA GLY B 163 -21.14 -17.39 -25.62
C GLY B 163 -21.66 -16.82 -26.93
N ASP B 164 -22.88 -16.27 -26.82
CA ASP B 164 -23.26 -15.29 -27.78
C ASP B 164 -23.41 -14.03 -27.02
N THR B 165 -22.99 -13.02 -27.73
CA THR B 165 -22.17 -12.07 -27.12
C THR B 165 -22.40 -10.93 -28.11
N ASP B 166 -23.65 -10.81 -28.52
CA ASP B 166 -24.10 -9.65 -29.20
C ASP B 166 -24.97 -8.88 -28.24
N PHE B 167 -24.57 -7.68 -27.85
CA PHE B 167 -25.34 -6.90 -26.93
C PHE B 167 -25.82 -5.59 -27.43
N ARG B 168 -25.91 -5.46 -28.75
CA ARG B 168 -26.32 -4.22 -29.40
C ARG B 168 -27.78 -3.99 -29.11
N GLY B 169 -28.10 -2.73 -28.78
CA GLY B 169 -29.49 -2.24 -28.76
C GLY B 169 -30.37 -2.70 -27.64
N LEU B 170 -29.82 -3.59 -26.81
CA LEU B 170 -30.46 -4.27 -25.70
C LEU B 170 -31.16 -3.32 -24.74
N VAL B 171 -30.46 -2.26 -24.33
CA VAL B 171 -30.99 -1.21 -23.45
C VAL B 171 -32.26 -0.71 -24.12
N GLU B 172 -32.19 -0.31 -25.37
CA GLU B 172 -33.35 0.26 -26.07
C GLU B 172 -34.41 -0.80 -26.41
N ARG B 173 -33.99 -1.99 -26.81
CA ARG B 173 -34.96 -3.09 -27.01
C ARG B 173 -35.77 -3.26 -25.75
N LEU B 174 -35.11 -3.08 -24.57
CA LEU B 174 -35.70 -3.27 -23.25
C LEU B 174 -36.53 -2.06 -22.97
N ALA B 175 -35.89 -0.92 -23.08
CA ALA B 175 -36.55 0.37 -22.93
C ALA B 175 -37.87 0.34 -23.60
N GLU B 176 -37.98 -0.19 -24.81
CA GLU B 176 -39.20 0.08 -25.62
C GLU B 176 -40.30 -0.91 -25.28
N LEU B 177 -39.89 -2.07 -24.82
CA LEU B 177 -40.82 -2.96 -24.19
C LEU B 177 -40.82 -2.57 -22.73
N LEU B 178 -40.78 -1.27 -22.43
CA LEU B 178 -40.98 -0.93 -21.05
C LEU B 178 -42.32 -1.01 -20.45
N PRO B 179 -42.68 -0.05 -19.58
CA PRO B 179 -43.11 -0.55 -18.20
C PRO B 179 -43.99 -1.86 -18.30
N LEU B 180 -43.58 -3.00 -17.75
CA LEU B 180 -44.37 -4.24 -17.96
C LEU B 180 -45.55 -4.39 -16.98
N PRO B 181 -46.30 -5.51 -17.02
CA PRO B 181 -47.09 -5.81 -15.83
C PRO B 181 -46.28 -5.85 -14.50
N PHE B 182 -45.48 -6.86 -14.21
CA PHE B 182 -44.67 -6.94 -12.95
C PHE B 182 -43.60 -5.80 -12.97
N PRO B 183 -43.01 -5.44 -11.79
CA PRO B 183 -41.86 -4.48 -11.76
C PRO B 183 -40.58 -5.16 -12.25
N VAL B 184 -39.59 -4.36 -12.66
CA VAL B 184 -38.40 -4.90 -13.36
C VAL B 184 -37.09 -4.22 -13.01
N MET B 185 -36.07 -5.05 -12.84
CA MET B 185 -34.76 -4.58 -12.39
C MET B 185 -33.65 -5.05 -13.32
N VAL B 186 -32.57 -4.25 -13.46
CA VAL B 186 -31.35 -4.66 -14.18
C VAL B 186 -30.26 -5.00 -13.20
N LYS B 187 -29.61 -6.09 -13.50
CA LYS B 187 -28.52 -6.52 -12.71
C LYS B 187 -27.35 -7.00 -13.59
N GLU B 188 -26.23 -7.27 -12.93
CA GLU B 188 -25.02 -7.71 -13.58
C GLU B 188 -24.80 -9.10 -12.95
N VAL B 189 -23.70 -9.77 -13.28
CA VAL B 189 -23.42 -11.00 -12.58
C VAL B 189 -22.18 -10.84 -11.70
N GLY B 190 -21.86 -9.59 -11.37
CA GLY B 190 -20.69 -9.34 -10.56
C GLY B 190 -19.36 -9.13 -11.23
N HIS B 191 -19.45 -8.54 -12.42
CA HIS B 191 -18.39 -7.83 -13.02
C HIS B 191 -18.82 -6.39 -12.81
N GLY B 192 -20.04 -6.21 -12.36
CA GLY B 192 -20.57 -4.91 -11.99
C GLY B 192 -20.99 -3.86 -13.01
N LEU B 193 -21.76 -2.88 -12.51
CA LEU B 193 -22.27 -1.78 -13.31
C LEU B 193 -21.54 -0.51 -12.95
N SER B 194 -21.01 0.16 -13.97
CA SER B 194 -20.22 1.38 -13.87
C SER B 194 -21.09 2.58 -13.88
N ARG B 195 -20.52 3.77 -13.61
CA ARG B 195 -21.39 4.97 -13.69
C ARG B 195 -22.11 5.13 -15.07
N GLU B 196 -21.48 4.69 -16.16
CA GLU B 196 -22.09 4.74 -17.47
C GLU B 196 -23.17 3.69 -17.67
N ALA B 197 -23.11 2.50 -17.05
CA ALA B 197 -24.29 1.57 -17.15
C ALA B 197 -25.54 2.27 -16.60
N ALA B 198 -25.37 2.73 -15.38
CA ALA B 198 -26.38 3.55 -14.75
C ALA B 198 -26.79 4.66 -15.66
N LEU B 199 -25.87 5.33 -16.34
CA LEU B 199 -26.31 6.37 -17.27
C LEU B 199 -27.28 5.85 -18.30
N ALA B 200 -26.95 4.65 -18.81
CA ALA B 200 -27.68 4.06 -19.87
C ALA B 200 -29.01 3.73 -19.34
N LEU B 201 -29.10 3.24 -18.09
CA LEU B 201 -30.39 2.93 -17.52
C LEU B 201 -31.24 4.12 -17.01
N ARG B 202 -30.73 5.36 -17.08
CA ARG B 202 -31.42 6.52 -16.54
C ARG B 202 -32.89 6.84 -16.96
N ASP B 203 -33.64 5.95 -17.58
CA ASP B 203 -35.00 6.37 -18.04
C ASP B 203 -35.90 5.17 -18.06
N LEU B 204 -35.37 4.11 -18.63
CA LEU B 204 -35.86 2.85 -18.28
C LEU B 204 -36.52 2.92 -16.88
N PRO B 205 -37.87 2.84 -16.86
CA PRO B 205 -38.67 2.89 -15.66
C PRO B 205 -38.41 1.66 -14.82
N LEU B 206 -37.20 1.51 -14.28
CA LEU B 206 -36.89 0.28 -13.61
C LEU B 206 -37.30 0.37 -12.15
N ALA B 207 -37.69 -0.74 -11.54
CA ALA B 207 -37.98 -0.71 -10.09
C ALA B 207 -36.66 -0.66 -9.29
N ALA B 208 -35.69 -1.50 -9.67
CA ALA B 208 -34.36 -1.64 -9.03
C ALA B 208 -33.25 -1.69 -10.11
N VAL B 209 -32.00 -1.75 -9.64
CA VAL B 209 -30.80 -2.05 -10.41
C VAL B 209 -30.00 -2.73 -9.38
N ASP B 210 -29.50 -3.89 -9.68
CA ASP B 210 -28.61 -4.42 -8.72
C ASP B 210 -27.22 -4.27 -9.36
N VAL B 211 -26.23 -3.86 -8.60
CA VAL B 211 -24.99 -3.46 -9.28
C VAL B 211 -24.08 -4.68 -9.47
N ALA B 212 -24.30 -5.72 -8.62
CA ALA B 212 -23.56 -6.96 -8.81
C ALA B 212 -22.08 -6.73 -9.23
N GLY B 213 -21.31 -6.13 -8.33
CA GLY B 213 -19.96 -5.78 -8.70
C GLY B 213 -18.94 -6.89 -8.48
N ALA B 214 -17.71 -6.55 -8.88
CA ALA B 214 -16.59 -7.42 -8.68
C ALA B 214 -16.28 -7.35 -7.21
N GLY B 215 -15.61 -8.41 -6.78
CA GLY B 215 -15.11 -8.61 -5.47
C GLY B 215 -15.48 -10.02 -5.05
N GLY B 216 -16.56 -10.58 -5.64
CA GLY B 216 -17.03 -11.87 -5.13
C GLY B 216 -16.70 -13.01 -6.02
N THR B 217 -17.71 -13.56 -6.68
CA THR B 217 -17.52 -14.59 -7.69
C THR B 217 -17.32 -13.96 -9.09
N SER B 218 -16.32 -14.39 -9.82
CA SER B 218 -16.04 -13.78 -11.07
C SER B 218 -16.64 -14.68 -12.12
N TRP B 219 -17.73 -14.21 -12.69
CA TRP B 219 -18.40 -15.06 -13.69
C TRP B 219 -17.50 -15.50 -14.85
N ALA B 220 -16.74 -14.53 -15.40
CA ALA B 220 -15.62 -14.86 -16.24
C ALA B 220 -14.72 -15.98 -15.61
N ARG B 221 -14.31 -15.87 -14.35
CA ARG B 221 -13.45 -16.93 -13.81
C ARG B 221 -14.16 -18.26 -13.77
N VAL B 222 -15.42 -18.22 -13.34
CA VAL B 222 -16.22 -19.45 -13.38
C VAL B 222 -16.15 -20.14 -14.77
N GLU B 223 -17.03 -19.70 -15.66
CA GLU B 223 -16.98 -19.79 -17.09
C GLU B 223 -15.81 -20.48 -17.74
N GLU B 224 -14.59 -20.00 -17.45
CA GLU B 224 -13.31 -20.57 -17.84
C GLU B 224 -12.98 -21.85 -17.05
N TRP B 225 -13.21 -21.80 -15.76
CA TRP B 225 -12.95 -22.99 -14.96
C TRP B 225 -13.82 -24.11 -15.52
N VAL B 226 -14.95 -23.79 -16.13
CA VAL B 226 -15.72 -24.76 -16.88
C VAL B 226 -14.94 -25.04 -18.14
N ARG B 227 -14.84 -24.06 -19.02
CA ARG B 227 -14.17 -24.22 -20.29
C ARG B 227 -12.74 -24.68 -20.29
N PHE B 228 -12.16 -25.22 -19.20
CA PHE B 228 -10.72 -25.50 -19.06
C PHE B 228 -10.41 -26.07 -17.70
N GLY B 229 -11.30 -25.99 -16.72
CA GLY B 229 -10.93 -26.49 -15.37
C GLY B 229 -9.76 -25.76 -14.74
N GLU B 230 -9.31 -24.71 -15.40
CA GLU B 230 -8.36 -23.79 -14.77
C GLU B 230 -8.71 -22.39 -15.28
N VAL B 231 -8.19 -21.34 -14.62
CA VAL B 231 -8.32 -20.00 -15.20
C VAL B 231 -7.08 -19.63 -16.01
N ARG B 232 -7.29 -19.60 -17.33
CA ARG B 232 -6.23 -19.40 -18.28
C ARG B 232 -5.86 -17.92 -18.35
N HIS B 233 -6.85 -17.02 -18.44
CA HIS B 233 -6.58 -15.59 -18.53
C HIS B 233 -7.02 -14.82 -17.34
N PRO B 234 -6.37 -15.01 -16.17
CA PRO B 234 -6.58 -14.49 -14.83
C PRO B 234 -6.98 -13.05 -14.79
N GLU B 235 -6.18 -12.24 -15.47
CA GLU B 235 -6.38 -10.85 -15.59
C GLU B 235 -7.72 -10.38 -16.22
N LEU B 236 -7.97 -10.80 -17.47
CA LEU B 236 -9.27 -10.72 -18.11
C LEU B 236 -10.31 -10.99 -17.09
N CYS B 237 -10.05 -11.91 -16.20
CA CYS B 237 -11.14 -12.32 -15.39
C CYS B 237 -11.29 -11.56 -14.14
N GLU B 238 -10.32 -10.69 -13.77
CA GLU B 238 -10.56 -9.64 -12.78
C GLU B 238 -11.13 -8.32 -13.37
N ILE B 239 -11.31 -8.22 -14.67
CA ILE B 239 -11.91 -7.01 -15.16
C ILE B 239 -13.26 -6.82 -14.46
N GLY B 240 -13.60 -5.64 -13.93
CA GLY B 240 -14.95 -5.45 -13.29
C GLY B 240 -14.99 -4.15 -12.50
N ILE B 241 -16.18 -3.60 -12.20
CA ILE B 241 -16.31 -2.45 -11.26
C ILE B 241 -16.47 -3.05 -9.90
N PRO B 242 -15.49 -2.81 -8.97
CA PRO B 242 -15.68 -3.44 -7.63
C PRO B 242 -16.93 -2.93 -6.99
N THR B 243 -17.61 -3.84 -6.29
CA THR B 243 -18.89 -3.48 -5.69
C THR B 243 -18.94 -2.10 -4.99
N ALA B 244 -18.01 -1.80 -4.07
CA ALA B 244 -18.20 -0.61 -3.22
C ALA B 244 -18.22 0.53 -4.23
N ARG B 245 -17.34 0.42 -5.21
CA ARG B 245 -17.21 1.45 -6.21
C ARG B 245 -18.50 1.52 -7.05
N ALA B 246 -19.15 0.40 -7.34
CA ALA B 246 -20.27 0.42 -8.23
C ALA B 246 -21.52 1.10 -7.60
N ILE B 247 -21.90 0.61 -6.45
CA ILE B 247 -22.84 1.28 -5.58
C ILE B 247 -22.63 2.79 -5.59
N LEU B 248 -21.42 3.16 -5.21
CA LEU B 248 -21.03 4.55 -5.29
C LEU B 248 -21.34 5.15 -6.66
N GLU B 249 -20.83 4.50 -7.65
CA GLU B 249 -20.98 5.04 -8.94
C GLU B 249 -22.45 5.16 -9.38
N VAL B 250 -23.21 4.09 -9.11
CA VAL B 250 -24.48 3.93 -9.77
C VAL B 250 -25.37 4.83 -9.03
N ARG B 251 -25.13 4.94 -7.73
CA ARG B 251 -25.86 5.93 -6.96
C ARG B 251 -25.71 7.37 -7.42
N GLU B 252 -24.56 7.86 -7.95
CA GLU B 252 -24.65 9.29 -8.30
C GLU B 252 -25.56 9.52 -9.46
N VAL B 253 -25.68 8.50 -10.33
CA VAL B 253 -26.48 8.70 -11.51
C VAL B 253 -27.96 8.56 -11.14
N LEU B 254 -28.19 7.59 -10.25
CA LEU B 254 -29.54 7.16 -9.91
C LEU B 254 -29.78 7.47 -8.45
N PRO B 255 -29.91 8.81 -8.13
CA PRO B 255 -29.97 9.25 -6.71
C PRO B 255 -31.05 8.56 -5.85
N HIS B 256 -32.00 7.84 -6.44
CA HIS B 256 -33.21 7.34 -5.76
C HIS B 256 -33.60 5.94 -6.07
N LEU B 257 -33.69 5.54 -7.34
CA LEU B 257 -34.22 4.20 -7.67
C LEU B 257 -33.56 3.16 -6.77
N PRO B 258 -34.31 2.28 -6.12
CA PRO B 258 -33.63 1.21 -5.31
C PRO B 258 -32.41 0.50 -5.91
N LEU B 259 -31.42 0.22 -5.05
CA LEU B 259 -30.15 -0.41 -5.41
C LEU B 259 -29.87 -1.67 -4.70
N VAL B 260 -29.78 -2.77 -5.44
CA VAL B 260 -29.26 -3.94 -4.72
C VAL B 260 -27.75 -3.96 -4.80
N ALA B 261 -27.06 -4.53 -3.81
CA ALA B 261 -25.61 -4.43 -3.78
C ALA B 261 -25.15 -5.81 -3.51
N SER B 262 -24.44 -6.36 -4.47
CA SER B 262 -24.10 -7.78 -4.38
C SER B 262 -22.86 -7.92 -5.16
N GLY B 263 -22.02 -8.79 -4.66
CA GLY B 263 -20.86 -9.15 -5.34
C GLY B 263 -19.94 -9.40 -4.19
N GLY B 264 -20.00 -10.57 -3.54
CA GLY B 264 -19.15 -10.84 -2.39
C GLY B 264 -19.42 -9.87 -1.23
N VAL B 265 -20.65 -9.41 -1.09
CA VAL B 265 -21.11 -8.67 0.05
C VAL B 265 -21.49 -9.76 1.04
N TYR B 266 -20.51 -10.58 1.38
CA TYR B 266 -20.77 -11.81 2.01
C TYR B 266 -20.87 -11.68 3.53
N THR B 267 -20.80 -10.50 4.11
CA THR B 267 -21.01 -10.48 5.59
C THR B 267 -21.88 -9.36 5.95
N GLY B 268 -22.53 -9.52 7.09
CA GLY B 268 -23.53 -8.55 7.52
C GLY B 268 -22.91 -7.18 7.58
N THR B 269 -21.66 -7.14 8.10
CA THR B 269 -20.95 -5.91 8.25
C THR B 269 -20.70 -5.24 6.91
N ASP B 270 -20.13 -5.98 5.92
CA ASP B 270 -20.06 -5.41 4.53
C ASP B 270 -21.46 -5.00 3.99
N GLY B 271 -22.49 -5.80 4.29
CA GLY B 271 -23.90 -5.34 4.12
C GLY B 271 -24.10 -3.87 4.51
N ALA B 272 -23.52 -3.56 5.64
CA ALA B 272 -23.79 -2.37 6.31
C ALA B 272 -23.02 -1.36 5.59
N LYS B 273 -21.77 -1.71 5.27
CA LYS B 273 -20.90 -0.76 4.56
C LYS B 273 -21.58 -0.44 3.24
N ALA B 274 -22.22 -1.47 2.68
CA ALA B 274 -22.74 -1.39 1.35
C ALA B 274 -23.96 -0.52 1.32
N LEU B 275 -24.92 -0.83 2.17
CA LEU B 275 -25.93 0.11 2.53
C LEU B 275 -25.35 1.49 2.88
N ALA B 276 -24.34 1.54 3.76
CA ALA B 276 -23.73 2.85 4.08
C ALA B 276 -23.38 3.67 2.81
N LEU B 277 -22.86 2.99 1.79
CA LEU B 277 -22.29 3.63 0.64
C LEU B 277 -23.40 3.99 -0.31
N GLY B 278 -24.60 3.50 0.00
CA GLY B 278 -25.81 3.79 -0.84
C GLY B 278 -26.72 2.64 -1.34
N ALA B 279 -26.45 1.43 -0.93
CA ALA B 279 -27.34 0.43 -1.35
C ALA B 279 -28.53 0.42 -0.37
N ASP B 280 -29.73 0.28 -0.95
CA ASP B 280 -30.98 -0.10 -0.32
C ASP B 280 -31.05 -1.57 0.11
N LEU B 281 -30.62 -2.52 -0.72
CA LEU B 281 -30.72 -3.93 -0.29
C LEU B 281 -29.38 -4.53 -0.58
N LEU B 282 -29.08 -5.69 0.03
CA LEU B 282 -27.97 -6.50 -0.37
C LEU B 282 -28.39 -7.86 -0.86
N ALA B 283 -27.46 -8.63 -1.38
CA ALA B 283 -27.79 -9.94 -2.00
C ALA B 283 -26.54 -10.81 -2.05
N VAL B 284 -26.68 -12.00 -1.51
CA VAL B 284 -25.62 -12.93 -1.54
C VAL B 284 -26.02 -14.04 -2.49
N ALA B 285 -25.06 -14.56 -3.27
CA ALA B 285 -25.37 -15.75 -4.01
C ALA B 285 -24.40 -16.87 -3.71
N ARG B 286 -23.24 -16.88 -4.32
CA ARG B 286 -22.43 -18.08 -4.23
C ARG B 286 -22.30 -18.63 -2.81
N PRO B 287 -22.13 -17.76 -1.79
CA PRO B 287 -21.94 -18.30 -0.45
C PRO B 287 -23.16 -19.12 0.04
N LEU B 288 -24.36 -18.79 -0.48
CA LEU B 288 -25.59 -19.56 -0.24
C LEU B 288 -25.50 -20.98 -0.83
N LEU B 289 -24.80 -21.16 -1.96
CA LEU B 289 -24.80 -22.43 -2.63
C LEU B 289 -24.55 -23.60 -1.71
N ARG B 290 -23.37 -23.68 -1.15
CA ARG B 290 -22.99 -24.79 -0.27
C ARG B 290 -24.07 -25.03 0.79
N PRO B 291 -24.30 -24.11 1.78
CA PRO B 291 -25.59 -24.14 2.49
C PRO B 291 -26.86 -24.80 1.78
N ALA B 292 -27.30 -24.32 0.63
CA ALA B 292 -28.42 -24.99 -0.10
C ALA B 292 -28.23 -26.52 -0.53
N LEU B 293 -27.03 -27.07 -0.30
CA LEU B 293 -26.87 -28.52 -0.25
C LEU B 293 -27.51 -28.90 1.06
N GLU B 294 -26.85 -28.75 2.22
CA GLU B 294 -27.47 -29.31 3.46
C GLU B 294 -28.95 -28.85 3.70
N GLY B 295 -29.47 -27.95 2.84
CA GLY B 295 -30.91 -27.69 2.70
C GLY B 295 -31.67 -26.71 3.61
N ALA B 296 -32.48 -25.83 2.97
CA ALA B 296 -33.47 -24.90 3.56
C ALA B 296 -33.27 -24.36 4.98
N GLU B 297 -33.22 -25.29 5.94
CA GLU B 297 -32.77 -25.09 7.31
C GLU B 297 -31.44 -24.34 7.28
N ARG B 298 -30.37 -25.02 6.83
CA ARG B 298 -28.97 -24.48 6.92
C ARG B 298 -28.88 -23.16 6.20
N VAL B 299 -29.50 -23.07 5.03
CA VAL B 299 -29.61 -21.77 4.37
C VAL B 299 -29.96 -20.66 5.35
N ALA B 300 -31.03 -20.85 6.15
CA ALA B 300 -31.54 -19.74 6.99
C ALA B 300 -30.62 -19.55 8.11
N ALA B 301 -29.91 -20.57 8.52
CA ALA B 301 -28.99 -20.34 9.62
C ALA B 301 -28.01 -19.26 9.06
N TRP B 302 -27.59 -19.48 7.80
CA TRP B 302 -26.66 -18.60 7.14
C TRP B 302 -27.37 -17.28 6.94
N ILE B 303 -28.50 -17.24 6.24
CA ILE B 303 -29.14 -15.92 6.12
C ILE B 303 -29.47 -15.26 7.45
N GLY B 304 -29.83 -16.08 8.42
CA GLY B 304 -30.33 -15.51 9.63
C GLY B 304 -29.17 -14.87 10.31
N ASP B 305 -28.03 -15.50 10.16
CA ASP B 305 -26.91 -15.03 10.92
C ASP B 305 -26.41 -13.68 10.42
N TYR B 306 -26.17 -13.66 9.12
CA TYR B 306 -25.96 -12.46 8.30
C TYR B 306 -26.91 -11.36 8.79
N LEU B 307 -28.18 -11.72 8.84
CA LEU B 307 -29.19 -10.73 9.04
C LEU B 307 -29.04 -10.06 10.40
N GLU B 308 -28.52 -10.85 11.36
CA GLU B 308 -28.27 -10.47 12.75
C GLU B 308 -26.95 -9.64 12.73
N GLU B 309 -25.80 -10.25 12.43
CA GLU B 309 -24.62 -9.44 12.01
C GLU B 309 -24.98 -8.11 11.36
N LEU B 310 -25.75 -8.04 10.27
CA LEU B 310 -26.15 -6.75 9.76
C LEU B 310 -26.82 -5.81 10.81
N ARG B 311 -27.78 -6.33 11.56
CA ARG B 311 -28.52 -5.54 12.58
C ARG B 311 -27.55 -4.85 13.62
N THR B 312 -26.66 -5.63 14.25
CA THR B 312 -25.67 -5.10 15.18
C THR B 312 -24.79 -4.02 14.60
N ALA B 313 -24.26 -4.30 13.43
CA ALA B 313 -23.47 -3.37 12.67
C ALA B 313 -24.21 -2.06 12.47
N LEU B 314 -25.42 -2.21 11.97
CA LEU B 314 -26.28 -1.09 11.73
C LEU B 314 -26.53 -0.24 12.99
N PHE B 315 -26.44 -0.94 14.11
CA PHE B 315 -26.75 -0.47 15.42
C PHE B 315 -25.49 0.17 15.93
N ALA B 316 -24.35 -0.54 15.86
CA ALA B 316 -23.02 -0.02 16.15
C ALA B 316 -22.79 1.32 15.37
N ILE B 317 -23.29 1.37 14.14
CA ILE B 317 -23.20 2.54 13.26
C ILE B 317 -24.19 3.66 13.63
N GLY B 318 -25.15 3.29 14.46
CA GLY B 318 -26.08 4.24 14.99
C GLY B 318 -27.17 4.55 14.02
N ALA B 319 -27.58 3.55 13.27
CA ALA B 319 -28.60 3.72 12.23
C ALA B 319 -29.78 2.90 12.62
N ARG B 320 -30.93 3.58 12.80
CA ARG B 320 -32.16 2.95 13.39
C ARG B 320 -32.58 1.76 12.57
N ASN B 321 -32.51 1.91 11.23
CA ASN B 321 -32.97 0.96 10.20
C ASN B 321 -32.05 1.20 8.99
N PRO B 322 -32.24 0.42 7.89
CA PRO B 322 -31.27 0.46 6.81
C PRO B 322 -31.19 1.77 6.01
N LYS B 323 -32.24 2.59 5.90
CA LYS B 323 -32.07 3.85 5.13
C LYS B 323 -31.17 4.75 5.88
N GLU B 324 -30.92 4.38 7.12
CA GLU B 324 -30.32 5.34 7.98
C GLU B 324 -28.82 5.29 7.97
N ALA B 325 -28.26 4.30 7.28
CA ALA B 325 -26.80 4.17 7.07
C ALA B 325 -26.21 4.90 5.84
N ARG B 326 -27.04 5.35 4.90
CA ARG B 326 -26.61 6.17 3.77
C ARG B 326 -25.71 7.13 4.52
N GLY B 327 -24.46 7.25 4.10
CA GLY B 327 -23.54 8.15 4.75
C GLY B 327 -22.61 7.66 5.84
N ARG B 328 -22.89 6.58 6.56
CA ARG B 328 -22.17 6.23 7.82
C ARG B 328 -20.89 5.45 7.71
N VAL B 329 -20.01 5.84 6.78
CA VAL B 329 -18.95 4.99 6.35
C VAL B 329 -17.95 5.98 5.92
N GLU B 330 -16.71 5.59 5.78
CA GLU B 330 -15.64 6.51 5.26
C GLU B 330 -14.47 5.68 4.76
N ARG B 331 -13.59 6.36 4.02
CA ARG B 331 -12.38 5.80 3.50
C ARG B 331 -11.50 5.28 4.59
N VAL B 332 -11.11 4.04 4.51
CA VAL B 332 -9.96 3.64 5.26
C VAL B 332 -8.89 4.60 4.71
N LYS C 9 -12.74 -16.16 33.37
CA LYS C 9 -14.13 -15.83 32.90
C LYS C 9 -14.12 -15.15 31.43
N HIS C 10 -14.35 -13.83 31.32
CA HIS C 10 -13.73 -13.07 30.22
C HIS C 10 -12.23 -13.18 30.38
N LEU C 11 -11.80 -13.33 31.63
CA LEU C 11 -10.42 -13.35 31.98
C LEU C 11 -9.71 -14.31 31.07
N GLU C 12 -10.30 -15.50 30.89
CA GLU C 12 -9.72 -16.53 29.98
C GLU C 12 -9.45 -16.15 28.51
N ALA C 13 -10.43 -15.48 27.87
CA ALA C 13 -10.23 -14.78 26.59
C ALA C 13 -9.07 -13.76 26.60
N CYS C 14 -9.04 -12.79 27.49
CA CYS C 14 -8.00 -11.77 27.32
C CYS C 14 -6.59 -12.32 27.39
N LEU C 15 -6.46 -13.23 28.36
CA LEU C 15 -5.30 -14.06 28.61
C LEU C 15 -5.03 -15.07 27.46
N GLU C 16 -6.04 -15.87 27.13
CA GLU C 16 -5.84 -16.98 26.17
C GLU C 16 -6.16 -16.71 24.68
N GLY C 17 -7.31 -16.12 24.33
CA GLY C 17 -7.78 -15.96 22.91
C GLY C 17 -7.12 -14.93 22.00
N GLU C 18 -7.35 -15.04 20.71
CA GLU C 18 -6.88 -14.02 19.78
C GLU C 18 -7.93 -12.99 19.81
N VAL C 19 -7.86 -12.13 20.83
CA VAL C 19 -8.88 -11.09 21.13
C VAL C 19 -8.52 -9.69 20.63
N ALA C 20 -7.22 -9.54 20.33
CA ALA C 20 -6.61 -8.40 19.67
C ALA C 20 -7.30 -8.20 18.34
N TYR C 21 -7.39 -6.96 17.90
CA TYR C 21 -7.90 -6.69 16.56
C TYR C 21 -7.16 -7.48 15.46
N GLN C 22 -7.80 -7.95 14.40
CA GLN C 22 -6.92 -8.60 13.43
C GLN C 22 -6.65 -7.75 12.20
N LYS C 23 -7.39 -6.69 12.01
CA LYS C 23 -7.20 -5.92 10.83
C LYS C 23 -7.16 -4.43 11.13
N THR C 24 -8.06 -3.89 11.97
CA THR C 24 -7.95 -2.46 12.30
C THR C 24 -6.72 -2.21 13.10
N THR C 25 -6.12 -1.07 12.97
CA THR C 25 -5.11 -0.80 13.91
C THR C 25 -5.31 0.57 14.51
N THR C 26 -4.52 0.87 15.50
CA THR C 26 -4.57 2.07 16.30
C THR C 26 -4.44 3.19 15.28
N GLY C 27 -3.70 2.83 14.24
CA GLY C 27 -3.50 3.73 13.17
C GLY C 27 -2.20 4.46 13.39
N LEU C 28 -1.54 4.26 14.55
CA LEU C 28 -0.33 5.07 14.93
C LEU C 28 0.92 4.76 14.13
N GLU C 29 0.96 3.52 13.63
CA GLU C 29 1.95 3.12 12.62
C GLU C 29 1.81 4.06 11.43
N GLY C 30 0.73 4.82 11.38
CA GLY C 30 0.57 5.70 10.27
C GLY C 30 1.28 7.02 10.47
N PHE C 31 1.77 7.24 11.69
CA PHE C 31 2.38 8.49 11.99
C PHE C 31 3.77 8.23 12.30
N ARG C 32 4.62 9.18 11.97
CA ARG C 32 5.98 8.99 12.38
C ARG C 32 6.47 10.11 13.30
N LEU C 33 7.24 9.73 14.31
CA LEU C 33 7.82 10.64 15.30
C LEU C 33 8.85 11.64 14.72
N ARG C 34 8.64 12.95 14.83
CA ARG C 34 9.63 13.82 14.24
C ARG C 34 10.85 13.83 15.12
N TYR C 35 11.93 13.21 14.66
CA TYR C 35 13.06 12.96 15.56
C TYR C 35 14.00 14.16 15.51
N GLN C 36 14.53 14.59 16.65
CA GLN C 36 15.15 15.94 16.72
C GLN C 36 16.58 15.97 17.28
N ALA C 37 17.51 15.37 16.53
CA ALA C 37 18.83 15.19 17.01
C ALA C 37 19.39 16.48 17.61
N LEU C 38 18.97 17.64 17.11
CA LEU C 38 19.55 18.85 17.59
C LEU C 38 18.52 19.62 18.33
N ALA C 39 17.90 18.97 19.27
CA ALA C 39 16.83 19.64 19.94
C ALA C 39 17.50 20.30 21.14
N GLY C 40 18.66 19.74 21.48
CA GLY C 40 19.48 20.35 22.53
C GLY C 40 18.74 20.43 23.84
N LEU C 41 18.04 19.34 24.09
CA LEU C 41 17.52 19.20 25.38
C LEU C 41 18.14 17.98 26.11
N ALA C 42 17.76 17.70 27.34
CA ALA C 42 18.51 16.69 28.12
C ALA C 42 17.56 15.72 28.69
N LEU C 43 17.84 14.43 28.54
CA LEU C 43 16.86 13.37 28.88
C LEU C 43 16.21 13.75 30.21
N SER C 44 16.98 13.67 31.24
CA SER C 44 17.06 14.65 32.28
C SER C 44 15.93 15.62 32.47
N GLU C 45 15.52 16.32 31.43
CA GLU C 45 14.58 17.40 31.64
C GLU C 45 13.21 17.19 30.91
N VAL C 46 13.13 16.16 30.07
CA VAL C 46 11.85 15.51 29.77
C VAL C 46 11.21 15.06 31.08
N ASP C 47 10.11 15.75 31.45
CA ASP C 47 9.32 15.64 32.71
C ASP C 47 7.88 15.01 32.59
N LEU C 48 7.75 13.74 32.92
CA LEU C 48 6.48 13.08 32.68
C LEU C 48 5.33 13.63 33.54
N THR C 49 5.58 14.66 34.35
CA THR C 49 4.67 14.88 35.50
C THR C 49 3.47 15.49 34.88
N THR C 50 2.32 14.84 35.05
CA THR C 50 0.99 15.25 34.48
C THR C 50 -0.16 15.15 35.54
N PRO C 51 -0.85 16.30 35.86
CA PRO C 51 -2.01 16.38 36.75
C PRO C 51 -3.25 15.78 36.09
N PHE C 52 -4.09 15.05 36.82
CA PHE C 52 -5.24 14.46 36.19
C PHE C 52 -6.36 14.15 37.21
N LEU C 53 -7.58 14.55 36.79
CA LEU C 53 -8.78 14.34 37.59
C LEU C 53 -8.39 14.74 38.99
N GLY C 54 -7.87 15.96 39.12
CA GLY C 54 -7.31 16.45 40.39
C GLY C 54 -6.32 15.73 41.31
N LYS C 55 -5.61 14.73 40.83
CA LYS C 55 -4.44 14.30 41.57
C LYS C 55 -3.33 14.42 40.56
N THR C 56 -2.13 14.83 41.02
CA THR C 56 -0.87 14.88 40.22
C THR C 56 -0.18 13.52 39.99
N LEU C 57 -0.42 12.94 38.81
CA LEU C 57 0.28 11.75 38.33
C LEU C 57 1.76 12.00 38.03
N LYS C 58 2.57 10.95 38.13
CA LYS C 58 4.02 11.00 38.04
C LYS C 58 4.43 10.81 36.56
N ALA C 59 3.49 10.32 35.75
CA ALA C 59 3.62 10.23 34.30
C ALA C 59 2.24 10.13 33.76
N PRO C 60 2.01 10.48 32.48
CA PRO C 60 0.64 10.52 32.02
C PRO C 60 0.14 9.14 31.67
N PHE C 61 -0.01 8.27 32.68
CA PHE C 61 -0.40 6.87 32.45
C PHE C 61 -1.56 6.45 33.40
N LEU C 62 -2.55 5.79 32.84
CA LEU C 62 -3.45 5.08 33.70
C LEU C 62 -3.36 3.59 33.38
N ILE C 63 -3.25 2.76 34.44
CA ILE C 63 -3.50 1.34 34.28
C ILE C 63 -4.92 1.36 33.86
N GLY C 64 -5.28 0.63 32.83
CA GLY C 64 -6.62 0.80 32.34
C GLY C 64 -7.50 -0.24 32.93
N ALA C 65 -8.81 0.03 33.03
CA ALA C 65 -9.76 -0.92 33.66
C ALA C 65 -9.76 -2.36 33.21
N MET C 66 -9.79 -3.26 34.18
CA MET C 66 -9.89 -4.68 33.93
C MET C 66 -10.68 -5.34 35.07
N THR C 67 -11.29 -6.50 34.72
CA THR C 67 -12.04 -7.42 35.64
C THR C 67 -11.68 -8.93 35.39
N GLU C 74 -9.62 -9.26 41.16
CA GLU C 74 -9.83 -9.03 42.62
C GLU C 74 -8.54 -9.41 43.44
N ARG C 75 -7.65 -10.09 42.71
CA ARG C 75 -6.24 -10.37 43.04
C ARG C 75 -5.39 -9.60 42.05
N ILE C 76 -5.74 -9.73 40.74
CA ILE C 76 -5.32 -8.78 39.66
C ILE C 76 -5.35 -7.31 40.16
N ASN C 77 -6.50 -6.69 40.46
CA ASN C 77 -6.48 -5.27 40.91
C ASN C 77 -5.44 -4.97 41.97
N LEU C 78 -5.26 -5.86 42.95
CA LEU C 78 -4.29 -5.60 44.03
C LEU C 78 -2.85 -5.36 43.56
N ALA C 79 -2.42 -6.23 42.67
CA ALA C 79 -1.18 -6.04 41.98
C ALA C 79 -1.12 -4.68 41.25
N LEU C 80 -2.10 -4.36 40.42
CA LEU C 80 -2.07 -3.11 39.66
C LEU C 80 -2.02 -1.94 40.65
N ALA C 81 -2.94 -2.00 41.58
CA ALA C 81 -3.05 -1.04 42.64
C ALA C 81 -1.70 -0.73 43.30
N GLU C 82 -0.93 -1.76 43.64
CA GLU C 82 0.42 -1.46 44.23
C GLU C 82 1.34 -0.81 43.24
N ALA C 83 1.32 -1.31 42.00
CA ALA C 83 2.13 -0.77 40.95
C ALA C 83 1.79 0.70 40.76
N ALA C 84 0.50 0.96 40.61
CA ALA C 84 0.03 2.34 40.52
C ALA C 84 0.72 3.24 41.56
N GLU C 85 0.61 2.84 42.84
CA GLU C 85 1.31 3.52 43.97
C GLU C 85 2.81 3.71 43.77
N ALA C 86 3.46 2.66 43.35
CA ALA C 86 4.87 2.62 43.38
C ALA C 86 5.27 3.65 42.38
N LEU C 87 4.38 3.89 41.41
CA LEU C 87 4.82 4.48 40.14
C LEU C 87 4.19 5.81 39.84
N GLY C 88 3.10 6.14 40.55
CA GLY C 88 2.53 7.48 40.49
C GLY C 88 1.76 7.52 39.20
N VAL C 89 1.28 6.36 38.80
CA VAL C 89 0.34 6.28 37.70
C VAL C 89 -1.08 6.25 38.34
N GLY C 90 -2.10 6.03 37.50
CA GLY C 90 -3.48 6.15 37.87
C GLY C 90 -4.03 4.78 37.54
N MET C 91 -5.29 4.52 37.91
CA MET C 91 -5.88 3.20 37.75
C MET C 91 -7.36 3.25 37.65
N MET C 92 -7.88 2.67 36.59
CA MET C 92 -9.31 2.46 36.52
C MET C 92 -9.57 1.07 37.06
N LEU C 93 -10.83 0.83 37.45
CA LEU C 93 -11.18 -0.14 38.45
C LEU C 93 -12.42 -0.94 37.98
N GLY C 94 -12.22 -2.13 37.41
CA GLY C 94 -13.32 -2.89 36.72
C GLY C 94 -14.78 -2.39 36.80
N SER C 95 -15.73 -3.08 36.14
CA SER C 95 -17.17 -2.76 36.37
C SER C 95 -17.64 -2.95 37.88
N GLY C 96 -17.80 -1.82 38.61
CA GLY C 96 -18.30 -1.84 39.97
C GLY C 96 -19.75 -2.25 40.01
N ARG C 97 -20.19 -2.88 38.90
CA ARG C 97 -21.60 -3.20 38.51
C ARG C 97 -22.23 -3.97 39.65
N ILE C 98 -21.45 -4.97 40.07
CA ILE C 98 -21.73 -5.86 41.21
C ILE C 98 -22.06 -5.08 42.49
N LEU C 99 -21.14 -4.20 42.92
CA LEU C 99 -21.23 -3.36 44.14
C LEU C 99 -22.51 -2.51 44.33
N LEU C 100 -23.14 -2.13 43.20
CA LEU C 100 -24.33 -1.28 43.19
C LEU C 100 -25.61 -2.00 43.67
N GLU C 101 -25.44 -3.27 44.07
CA GLU C 101 -26.39 -4.10 44.84
C GLU C 101 -25.68 -5.42 45.33
N ARG C 102 -24.49 -5.27 45.92
CA ARG C 102 -23.67 -6.33 46.58
C ARG C 102 -22.53 -5.66 47.35
N PRO C 103 -22.87 -4.67 48.23
CA PRO C 103 -21.94 -3.65 48.73
C PRO C 103 -20.72 -4.22 49.48
N GLU C 104 -20.83 -5.45 49.98
CA GLU C 104 -19.69 -6.13 50.61
C GLU C 104 -19.12 -7.23 49.67
N ALA C 105 -19.27 -7.00 48.37
CA ALA C 105 -18.28 -7.45 47.38
C ALA C 105 -17.23 -6.29 47.16
N LEU C 106 -17.25 -5.28 48.04
CA LEU C 106 -16.13 -4.35 48.27
C LEU C 106 -14.97 -5.05 49.01
N ARG C 107 -15.21 -6.31 49.42
CA ARG C 107 -14.23 -7.20 50.09
C ARG C 107 -12.98 -7.56 49.21
N ARG C 110 -12.10 -3.39 45.75
CA ARG C 110 -11.51 -2.58 46.85
C ARG C 110 -9.97 -2.64 46.87
N VAL C 111 -9.27 -1.51 46.94
CA VAL C 111 -7.85 -1.55 46.61
C VAL C 111 -6.98 -0.53 47.38
N ARG C 112 -7.63 0.46 48.01
CA ARG C 112 -6.91 1.52 48.70
C ARG C 112 -6.07 1.06 49.93
N LYS C 113 -6.29 -0.18 50.40
CA LYS C 113 -5.38 -0.81 51.39
C LYS C 113 -3.90 -0.80 50.94
N VAL C 114 -3.66 -1.16 49.67
CA VAL C 114 -2.31 -1.08 49.08
C VAL C 114 -2.09 0.16 48.29
N ALA C 115 -3.09 1.02 48.15
CA ALA C 115 -2.82 2.24 47.38
C ALA C 115 -3.39 3.58 47.88
N PRO C 116 -2.94 4.06 49.06
CA PRO C 116 -3.51 5.27 49.66
C PRO C 116 -3.52 6.48 48.71
N LYS C 117 -2.36 6.83 48.17
CA LYS C 117 -2.24 8.12 47.53
C LYS C 117 -2.61 8.18 46.02
N ALA C 118 -2.48 7.02 45.39
CA ALA C 118 -2.74 6.73 43.94
C ALA C 118 -4.02 7.33 43.38
N LEU C 119 -4.12 7.62 42.09
CA LEU C 119 -5.38 8.10 41.57
C LEU C 119 -6.34 6.96 41.19
N LEU C 120 -7.38 6.64 41.97
CA LEU C 120 -8.34 5.57 41.53
C LEU C 120 -9.49 6.05 40.65
N ILE C 121 -9.69 5.40 39.52
CA ILE C 121 -10.93 5.74 38.83
C ILE C 121 -11.98 4.62 38.87
N ALA C 122 -13.15 4.89 39.41
CA ALA C 122 -14.19 3.86 39.50
C ALA C 122 -14.91 3.94 38.22
N ASN C 123 -15.38 2.78 37.80
CA ASN C 123 -15.86 2.70 36.52
C ASN C 123 -17.10 1.82 36.41
N LEU C 124 -18.01 2.27 35.53
CA LEU C 124 -19.38 1.96 35.68
C LEU C 124 -20.14 1.68 34.35
N GLY C 125 -19.98 2.53 33.39
CA GLY C 125 -20.77 2.13 32.27
C GLY C 125 -22.09 2.85 32.24
N LEU C 126 -22.22 3.64 31.17
CA LEU C 126 -23.22 4.60 31.10
C LEU C 126 -24.51 3.87 31.33
N ALA C 127 -24.67 2.67 30.76
CA ALA C 127 -25.92 1.89 30.85
C ALA C 127 -26.44 1.77 32.28
N GLN C 128 -25.59 1.40 33.22
CA GLN C 128 -25.98 1.34 34.65
C GLN C 128 -26.66 2.59 35.13
N LEU C 129 -26.59 3.69 34.40
CA LEU C 129 -27.28 4.87 34.83
C LEU C 129 -28.74 4.69 34.79
N ARG C 130 -29.19 3.53 34.35
CA ARG C 130 -30.61 3.33 34.08
C ARG C 130 -31.23 2.57 35.24
N ARG C 131 -30.64 1.47 35.70
CA ARG C 131 -30.86 1.12 37.11
C ARG C 131 -30.44 2.29 38.06
N TYR C 132 -29.15 2.56 38.31
CA TYR C 132 -28.73 3.47 39.45
C TYR C 132 -28.79 4.97 39.31
N GLY C 133 -28.61 5.63 40.43
CA GLY C 133 -29.02 6.98 40.53
C GLY C 133 -28.04 7.71 41.35
N ARG C 134 -28.08 9.02 41.24
CA ARG C 134 -27.03 9.83 41.83
C ARG C 134 -26.46 9.21 43.10
N ASP C 135 -27.30 8.72 43.99
CA ASP C 135 -26.75 8.40 45.28
C ASP C 135 -25.92 7.20 45.25
N ASP C 136 -26.49 6.24 44.56
CA ASP C 136 -25.84 5.02 44.19
C ASP C 136 -24.44 5.27 43.68
N LEU C 137 -24.27 6.34 42.89
CA LEU C 137 -22.99 6.71 42.33
C LEU C 137 -22.15 7.33 43.40
N LEU C 138 -22.65 8.33 44.16
CA LEU C 138 -21.77 8.91 45.23
C LEU C 138 -21.37 7.82 46.15
N ARG C 139 -22.25 6.84 46.25
CA ARG C 139 -22.05 5.77 47.19
C ARG C 139 -21.09 4.74 46.69
N LEU C 140 -21.23 4.30 45.46
CA LEU C 140 -20.14 3.56 44.80
C LEU C 140 -18.71 4.19 44.91
N VAL C 141 -18.64 5.44 44.50
CA VAL C 141 -17.45 6.15 44.33
C VAL C 141 -16.79 6.26 45.73
N GLU C 142 -17.56 6.30 46.82
CA GLU C 142 -16.88 6.33 48.13
C GLU C 142 -16.72 4.96 48.72
N MET C 143 -17.58 4.07 48.28
CA MET C 143 -17.48 2.65 48.58
C MET C 143 -16.05 2.26 48.25
N LEU C 144 -15.66 2.55 46.98
CA LEU C 144 -14.29 2.26 46.43
C LEU C 144 -13.26 3.29 46.87
N GLU C 145 -13.72 4.45 47.31
CA GLU C 145 -12.83 5.52 47.78
C GLU C 145 -11.98 5.94 46.63
N ALA C 146 -12.67 6.27 45.56
CA ALA C 146 -12.07 6.56 44.32
C ALA C 146 -11.94 8.08 44.37
N ASP C 147 -11.49 8.69 43.26
CA ASP C 147 -11.25 10.12 43.04
C ASP C 147 -12.08 10.70 41.91
N ALA C 148 -12.64 9.78 41.14
CA ALA C 148 -13.49 10.06 39.97
C ALA C 148 -14.13 8.77 39.52
N LEU C 149 -15.02 8.92 38.54
CA LEU C 149 -15.85 7.90 37.95
C LEU C 149 -15.71 8.02 36.47
N ALA C 150 -15.43 6.86 35.89
CA ALA C 150 -15.55 6.54 34.46
C ALA C 150 -16.89 5.88 34.19
N PHE C 151 -17.70 6.48 33.33
CA PHE C 151 -18.74 5.71 32.65
C PHE C 151 -18.19 5.16 31.38
N HIS C 152 -18.25 3.85 31.24
CA HIS C 152 -17.78 3.22 30.01
C HIS C 152 -18.94 3.09 28.98
N VAL C 153 -18.84 3.55 27.74
CA VAL C 153 -20.04 3.31 26.86
C VAL C 153 -19.76 2.22 25.89
N ASN C 154 -20.64 1.26 25.68
CA ASN C 154 -20.10 0.11 24.99
C ASN C 154 -20.98 -0.79 24.10
N PRO C 155 -21.71 -0.15 23.16
CA PRO C 155 -22.79 -0.75 22.34
C PRO C 155 -22.38 -2.01 21.59
N LEU C 156 -21.28 -1.96 20.86
CA LEU C 156 -20.91 -3.15 20.15
C LEU C 156 -20.75 -4.33 21.12
N GLN C 157 -19.70 -4.31 21.93
CA GLN C 157 -19.54 -5.29 22.99
C GLN C 157 -20.87 -5.76 23.48
N GLU C 158 -21.67 -4.80 23.95
CA GLU C 158 -22.98 -5.16 24.50
C GLU C 158 -23.77 -5.97 23.46
N ALA C 159 -24.03 -5.36 22.27
CA ALA C 159 -24.63 -6.09 21.14
C ALA C 159 -24.04 -7.51 21.01
N VAL C 160 -22.73 -7.61 20.89
CA VAL C 160 -22.11 -8.88 20.68
C VAL C 160 -22.36 -9.84 21.83
N GLN C 161 -22.24 -9.40 23.08
CA GLN C 161 -22.40 -10.40 24.12
C GLN C 161 -23.84 -10.70 24.41
N ARG C 162 -24.78 -10.36 23.52
CA ARG C 162 -26.22 -10.56 23.77
C ARG C 162 -26.52 -10.05 25.17
N GLY C 163 -26.01 -8.85 25.47
CA GLY C 163 -26.22 -8.21 26.79
C GLY C 163 -27.10 -6.96 26.69
N ASP C 164 -27.27 -6.31 27.83
CA ASP C 164 -28.14 -5.17 27.94
C ASP C 164 -27.78 -4.21 26.85
N THR C 165 -28.72 -4.02 25.93
CA THR C 165 -28.42 -3.46 24.65
C THR C 165 -29.13 -2.16 24.49
N ASP C 166 -29.68 -1.60 25.56
CA ASP C 166 -30.37 -0.30 25.43
C ASP C 166 -29.57 1.04 25.77
N PHE C 167 -28.87 1.64 24.80
CA PHE C 167 -28.13 2.85 25.17
C PHE C 167 -28.96 4.04 24.87
N ARG C 168 -30.25 3.83 24.86
CA ARG C 168 -31.10 4.87 24.42
C ARG C 168 -31.14 5.85 25.54
N GLY C 169 -31.14 7.14 25.25
CA GLY C 169 -31.22 8.18 26.29
C GLY C 169 -30.21 8.25 27.46
N LEU C 170 -29.31 7.30 27.56
CA LEU C 170 -28.07 7.40 28.36
C LEU C 170 -27.40 8.79 28.48
N VAL C 171 -27.34 9.57 27.42
CA VAL C 171 -26.51 10.73 27.55
C VAL C 171 -27.26 11.78 28.30
N GLU C 172 -28.58 11.81 28.15
CA GLU C 172 -29.41 12.77 28.89
C GLU C 172 -29.32 12.38 30.33
N ARG C 173 -29.50 11.11 30.65
CA ARG C 173 -29.43 10.85 32.04
C ARG C 173 -28.11 11.35 32.65
N LEU C 174 -27.00 11.06 31.97
CA LEU C 174 -25.66 11.51 32.37
C LEU C 174 -25.81 13.01 32.46
N ALA C 175 -26.10 13.63 31.31
CA ALA C 175 -26.33 15.07 31.22
C ALA C 175 -26.97 15.63 32.44
N GLU C 176 -27.99 15.02 32.98
CA GLU C 176 -28.67 15.74 34.04
C GLU C 176 -28.23 15.34 35.43
N LEU C 177 -27.61 14.17 35.54
CA LEU C 177 -27.07 13.86 36.81
C LEU C 177 -25.99 14.74 37.01
N LEU C 178 -25.68 15.69 36.10
CA LEU C 178 -24.26 16.11 36.03
C LEU C 178 -23.44 16.58 37.15
N PRO C 179 -23.01 17.87 37.09
CA PRO C 179 -21.65 18.09 37.70
C PRO C 179 -21.73 17.36 39.06
N LEU C 180 -21.38 16.06 39.16
CA LEU C 180 -21.43 15.22 40.40
C LEU C 180 -20.30 15.65 41.36
N PRO C 181 -20.34 15.26 42.66
CA PRO C 181 -19.34 15.84 43.59
C PRO C 181 -17.92 15.44 43.30
N PHE C 182 -17.72 14.41 42.49
CA PHE C 182 -16.41 13.91 42.12
C PHE C 182 -16.29 14.05 40.57
N PRO C 183 -15.07 14.15 40.02
CA PRO C 183 -14.85 14.02 38.56
C PRO C 183 -15.40 12.78 37.82
N VAL C 184 -15.85 13.07 36.62
CA VAL C 184 -16.49 12.10 35.78
C VAL C 184 -15.86 12.14 34.36
N MET C 185 -15.50 10.95 33.91
CA MET C 185 -15.20 10.78 32.48
C MET C 185 -16.13 9.75 31.78
N VAL C 186 -16.37 9.99 30.48
CA VAL C 186 -16.96 8.98 29.56
C VAL C 186 -15.78 8.30 28.80
N LYS C 187 -15.82 7.00 28.64
CA LYS C 187 -14.79 6.26 27.85
C LYS C 187 -15.49 5.26 27.03
N GLU C 188 -14.83 4.78 26.00
CA GLU C 188 -15.45 3.68 25.28
C GLU C 188 -14.66 2.43 25.71
N VAL C 189 -14.56 1.32 24.97
CA VAL C 189 -13.71 0.23 25.55
C VAL C 189 -12.74 -0.31 24.54
N GLY C 190 -12.59 0.35 23.43
CA GLY C 190 -11.68 -0.19 22.48
C GLY C 190 -12.33 -0.37 21.15
N HIS C 191 -13.64 -0.10 21.03
CA HIS C 191 -14.12 0.17 19.70
C HIS C 191 -14.27 1.69 19.51
N GLY C 192 -13.91 2.49 20.53
CA GLY C 192 -13.47 3.90 20.28
C GLY C 192 -14.50 4.98 20.29
N LEU C 193 -14.18 6.22 20.66
CA LEU C 193 -15.16 7.31 20.47
C LEU C 193 -15.05 8.18 19.20
N SER C 194 -16.06 8.23 18.35
CA SER C 194 -16.04 9.07 17.17
C SER C 194 -16.10 10.56 17.42
N ARG C 195 -15.98 11.30 16.31
CA ARG C 195 -16.35 12.73 16.31
C ARG C 195 -17.72 12.97 16.87
N GLU C 196 -18.68 12.17 16.45
CA GLU C 196 -19.99 12.48 16.86
C GLU C 196 -20.29 12.00 18.27
N ALA C 197 -19.76 10.82 18.66
CA ALA C 197 -19.67 10.48 20.15
C ALA C 197 -19.32 11.71 20.94
N ALA C 198 -18.31 12.43 20.49
CA ALA C 198 -17.80 13.56 21.21
C ALA C 198 -18.76 14.76 21.09
N LEU C 199 -19.38 14.97 19.92
CA LEU C 199 -20.33 16.07 19.80
C LEU C 199 -21.46 15.86 20.84
N ALA C 200 -21.83 14.59 21.10
CA ALA C 200 -22.76 14.23 22.15
C ALA C 200 -22.24 14.58 23.58
N LEU C 201 -20.95 14.61 23.79
CA LEU C 201 -20.44 14.60 25.10
C LEU C 201 -20.13 16.02 25.32
N ARG C 202 -20.62 16.82 24.39
CA ARG C 202 -19.99 18.09 24.10
C ARG C 202 -20.05 19.14 25.17
N ASP C 203 -20.91 18.97 26.14
CA ASP C 203 -20.92 20.03 27.13
C ASP C 203 -21.74 19.59 28.35
N LEU C 204 -21.96 18.30 28.42
CA LEU C 204 -21.71 17.64 29.66
C LEU C 204 -20.37 18.19 30.20
N PRO C 205 -20.41 18.76 31.42
CA PRO C 205 -19.17 19.13 32.13
C PRO C 205 -18.35 17.89 32.65
N LEU C 206 -17.79 17.12 31.69
CA LEU C 206 -16.99 15.98 32.06
C LEU C 206 -15.62 16.49 32.37
N ALA C 207 -14.84 15.69 33.07
CA ALA C 207 -13.45 16.01 33.34
C ALA C 207 -12.44 15.43 32.38
N ALA C 208 -12.84 14.59 31.42
CA ALA C 208 -11.90 13.75 30.69
C ALA C 208 -12.66 12.87 29.76
N VAL C 209 -12.11 12.55 28.62
CA VAL C 209 -12.71 11.51 27.76
C VAL C 209 -11.67 10.43 27.63
N ASP C 210 -12.04 9.17 27.80
CA ASP C 210 -11.05 8.20 27.32
C ASP C 210 -11.53 7.72 25.95
N VAL C 211 -10.69 7.84 24.91
CA VAL C 211 -11.20 7.66 23.53
C VAL C 211 -11.27 6.19 23.19
N ALA C 212 -10.63 5.43 24.07
CA ALA C 212 -10.56 4.02 24.02
C ALA C 212 -10.78 3.35 22.60
N GLY C 213 -9.77 3.56 21.75
CA GLY C 213 -9.82 3.34 20.32
C GLY C 213 -9.55 1.91 19.89
N ALA C 214 -9.79 1.74 18.57
CA ALA C 214 -9.70 0.45 17.96
C ALA C 214 -8.18 0.21 17.73
N GLY C 215 -7.74 -1.05 17.68
CA GLY C 215 -6.34 -1.31 17.44
C GLY C 215 -5.68 -2.32 18.32
N GLY C 216 -6.15 -2.48 19.55
CA GLY C 216 -5.59 -3.42 20.51
C GLY C 216 -6.67 -4.41 20.81
N THR C 217 -7.15 -4.44 22.04
CA THR C 217 -8.08 -5.51 22.32
C THR C 217 -9.46 -5.11 21.76
N SER C 218 -10.14 -5.99 21.03
CA SER C 218 -11.51 -5.74 20.52
C SER C 218 -12.52 -6.32 21.53
N TRP C 219 -13.41 -5.49 22.07
CA TRP C 219 -14.27 -6.19 22.98
C TRP C 219 -15.12 -7.19 22.27
N ALA C 220 -15.52 -6.85 21.03
CA ALA C 220 -16.41 -7.63 20.16
C ALA C 220 -15.77 -8.95 20.07
N ARG C 221 -14.61 -9.02 19.41
CA ARG C 221 -13.86 -10.25 19.34
C ARG C 221 -13.86 -10.92 20.70
N VAL C 222 -13.51 -10.20 21.83
CA VAL C 222 -13.56 -10.83 23.22
C VAL C 222 -14.90 -11.50 23.50
N GLU C 223 -15.96 -10.71 23.56
CA GLU C 223 -17.29 -11.23 23.67
C GLU C 223 -17.53 -12.50 22.91
N GLU C 224 -17.30 -12.53 21.58
CA GLU C 224 -17.48 -13.78 20.80
C GLU C 224 -16.59 -14.92 21.18
N TRP C 225 -15.39 -14.63 21.71
CA TRP C 225 -14.48 -15.70 22.13
C TRP C 225 -15.06 -16.41 23.34
N VAL C 226 -15.70 -15.66 24.21
CA VAL C 226 -16.58 -16.28 25.20
C VAL C 226 -17.78 -17.04 24.54
N ARG C 227 -18.65 -16.40 23.75
CA ARG C 227 -19.76 -17.14 23.11
C ARG C 227 -19.27 -18.41 22.34
N PHE C 228 -18.24 -18.32 21.51
CA PHE C 228 -17.97 -19.45 20.68
C PHE C 228 -16.54 -19.90 20.74
N GLY C 229 -15.72 -19.49 21.73
CA GLY C 229 -14.29 -19.92 21.76
C GLY C 229 -13.50 -19.61 20.45
N GLU C 230 -14.19 -19.07 19.44
CA GLU C 230 -13.55 -18.48 18.25
C GLU C 230 -14.41 -17.31 17.82
N VAL C 231 -13.87 -16.48 16.93
CA VAL C 231 -14.65 -15.37 16.35
C VAL C 231 -15.38 -15.72 15.03
N ARG C 232 -16.66 -16.06 15.16
CA ARG C 232 -17.51 -16.20 14.02
C ARG C 232 -17.60 -14.94 13.07
N HIS C 233 -17.50 -13.71 13.58
CA HIS C 233 -17.71 -12.57 12.70
C HIS C 233 -16.52 -11.66 12.79
N PRO C 234 -15.41 -12.09 12.14
CA PRO C 234 -14.10 -11.46 12.39
C PRO C 234 -14.25 -9.95 12.30
N GLU C 235 -15.12 -9.63 11.33
CA GLU C 235 -15.26 -8.38 10.68
C GLU C 235 -16.08 -7.40 11.48
N LEU C 236 -17.29 -7.75 11.89
CA LEU C 236 -18.01 -6.99 12.89
C LEU C 236 -17.04 -6.57 14.02
N CYS C 237 -16.30 -7.58 14.51
CA CYS C 237 -15.47 -7.36 15.61
C CYS C 237 -14.42 -6.30 15.30
N GLU C 238 -14.04 -6.14 14.03
CA GLU C 238 -13.22 -4.95 13.62
C GLU C 238 -13.99 -3.61 13.54
N ILE C 239 -15.33 -3.60 13.69
CA ILE C 239 -15.97 -2.28 13.74
C ILE C 239 -15.33 -1.37 14.78
N GLY C 240 -15.20 -0.09 14.51
CA GLY C 240 -14.57 0.72 15.53
C GLY C 240 -13.79 1.91 15.06
N ILE C 241 -13.35 2.76 15.98
CA ILE C 241 -12.59 3.96 15.59
C ILE C 241 -11.09 3.87 15.97
N PRO C 242 -10.21 3.63 14.94
CA PRO C 242 -8.80 3.32 15.27
C PRO C 242 -8.21 4.51 16.13
N THR C 243 -7.68 4.18 17.35
CA THR C 243 -7.19 5.15 18.40
C THR C 243 -6.66 6.47 17.86
N ALA C 244 -5.62 6.47 17.05
CA ALA C 244 -5.20 7.69 16.39
C ALA C 244 -6.37 8.52 15.82
N ARG C 245 -7.23 7.91 14.95
CA ARG C 245 -8.37 8.67 14.41
C ARG C 245 -9.17 9.22 15.57
N ALA C 246 -9.37 8.43 16.60
CA ALA C 246 -10.29 8.87 17.66
C ALA C 246 -9.75 10.08 18.51
N ILE C 247 -8.50 9.97 18.93
CA ILE C 247 -7.80 11.10 19.40
C ILE C 247 -8.06 12.29 18.49
N LEU C 248 -7.62 12.20 17.23
CA LEU C 248 -7.77 13.30 16.32
C LEU C 248 -9.22 13.78 16.33
N GLU C 249 -10.18 12.86 16.24
CA GLU C 249 -11.54 13.24 16.08
C GLU C 249 -12.10 13.94 17.27
N VAL C 250 -11.99 13.26 18.42
CA VAL C 250 -12.43 13.77 19.72
C VAL C 250 -11.79 15.11 20.07
N ARG C 251 -10.49 15.30 19.82
CA ARG C 251 -9.87 16.53 20.20
C ARG C 251 -10.40 17.72 19.40
N GLU C 252 -10.72 17.44 18.14
CA GLU C 252 -11.07 18.46 17.19
C GLU C 252 -12.31 19.12 17.78
N VAL C 253 -13.09 18.38 18.57
CA VAL C 253 -14.39 18.79 19.13
C VAL C 253 -14.27 19.17 20.58
N LEU C 254 -13.48 18.48 21.38
CA LEU C 254 -13.24 18.95 22.71
C LEU C 254 -11.80 19.42 22.95
N PRO C 255 -11.47 20.60 22.42
CA PRO C 255 -10.13 21.17 22.58
C PRO C 255 -9.57 21.11 23.98
N HIS C 256 -10.46 21.10 24.98
CA HIS C 256 -10.03 21.39 26.34
C HIS C 256 -10.14 20.18 27.21
N LEU C 257 -11.10 19.33 26.97
CA LEU C 257 -11.14 18.18 27.82
C LEU C 257 -9.84 17.33 27.67
N PRO C 258 -9.20 16.94 28.78
CA PRO C 258 -8.09 15.95 28.85
C PRO C 258 -8.38 14.62 28.15
N LEU C 259 -7.57 14.20 27.17
CA LEU C 259 -7.96 13.00 26.43
C LEU C 259 -7.11 11.90 26.79
N VAL C 260 -7.74 10.77 27.10
CA VAL C 260 -6.98 9.58 27.33
C VAL C 260 -6.89 8.78 26.04
N ALA C 261 -5.68 8.48 25.60
CA ALA C 261 -5.51 7.60 24.48
C ALA C 261 -5.36 6.21 25.07
N SER C 262 -6.25 5.31 24.68
CA SER C 262 -6.02 3.92 25.07
C SER C 262 -6.57 3.14 23.90
N GLY C 263 -6.37 1.83 23.82
CA GLY C 263 -6.80 1.09 22.65
C GLY C 263 -5.52 0.70 21.88
N GLY C 264 -4.89 -0.38 22.28
CA GLY C 264 -3.73 -0.75 21.55
C GLY C 264 -2.56 0.23 21.57
N VAL C 265 -2.49 1.13 22.54
CA VAL C 265 -1.34 2.04 22.68
C VAL C 265 -0.34 1.36 23.65
N TYR C 266 0.18 0.21 23.25
CA TYR C 266 0.87 -0.70 24.12
C TYR C 266 2.35 -0.48 24.23
N THR C 267 2.94 0.39 23.44
CA THR C 267 4.36 0.69 23.68
C THR C 267 4.49 2.19 24.05
N GLY C 268 5.47 2.60 24.87
CA GLY C 268 5.65 4.05 25.14
C GLY C 268 5.94 4.94 23.96
N THR C 269 6.49 4.34 22.92
CA THR C 269 6.79 5.06 21.72
C THR C 269 5.49 5.40 21.02
N ASP C 270 4.75 4.38 20.62
CA ASP C 270 3.34 4.51 20.32
C ASP C 270 2.60 5.47 21.24
N GLY C 271 2.83 5.39 22.57
CA GLY C 271 2.39 6.34 23.54
C GLY C 271 2.73 7.74 23.13
N ALA C 272 3.96 8.02 22.76
CA ALA C 272 4.37 9.38 22.43
C ALA C 272 3.63 9.87 21.21
N LYS C 273 3.54 8.95 20.23
CA LYS C 273 2.83 9.13 19.01
C LYS C 273 1.49 9.58 19.46
N ALA C 274 0.80 8.78 20.23
CA ALA C 274 -0.51 9.19 20.80
C ALA C 274 -0.53 10.58 21.36
N LEU C 275 0.42 10.87 22.26
CA LEU C 275 0.58 12.19 22.87
C LEU C 275 0.65 13.28 21.81
N ALA C 276 1.47 13.01 20.82
CA ALA C 276 1.65 13.93 19.77
C ALA C 276 0.37 14.14 18.96
N LEU C 277 -0.39 13.11 18.57
CA LEU C 277 -1.75 13.42 18.05
C LEU C 277 -2.62 14.26 19.00
N GLY C 278 -2.15 14.68 20.15
CA GLY C 278 -2.92 15.69 20.84
C GLY C 278 -3.62 15.14 22.08
N ALA C 279 -3.37 13.89 22.37
CA ALA C 279 -3.83 13.28 23.56
C ALA C 279 -3.03 13.74 24.84
N ASP C 280 -3.37 13.23 26.03
CA ASP C 280 -2.95 13.87 27.32
C ASP C 280 -2.40 12.95 28.36
N LEU C 281 -3.12 11.84 28.51
CA LEU C 281 -2.69 10.62 29.13
C LEU C 281 -2.76 9.41 28.20
N LEU C 282 -2.08 8.37 28.60
CA LEU C 282 -2.09 7.10 27.88
C LEU C 282 -2.79 6.08 28.75
N ALA C 283 -3.52 5.14 28.19
CA ALA C 283 -3.88 4.07 29.10
C ALA C 283 -3.71 2.72 28.50
N VAL C 284 -3.20 1.80 29.31
CA VAL C 284 -3.13 0.42 28.87
C VAL C 284 -3.98 -0.51 29.70
N ALA C 285 -4.55 -1.50 29.01
CA ALA C 285 -5.19 -2.62 29.70
C ALA C 285 -4.68 -4.01 29.44
N ARG C 286 -4.98 -4.58 28.27
CA ARG C 286 -4.80 -6.05 28.16
C ARG C 286 -3.35 -6.42 28.38
N PRO C 287 -2.43 -5.62 27.84
CA PRO C 287 -1.09 -5.98 28.08
C PRO C 287 -0.76 -5.95 29.51
N LEU C 288 -1.50 -5.24 30.31
CA LEU C 288 -1.01 -5.08 31.62
C LEU C 288 -1.48 -6.38 32.38
N LEU C 289 -2.37 -7.11 31.75
CA LEU C 289 -3.07 -8.11 32.51
C LEU C 289 -2.22 -9.28 32.89
N ARG C 290 -1.44 -9.81 31.97
CA ARG C 290 -0.64 -10.96 32.36
C ARG C 290 0.27 -10.61 33.51
N PRO C 291 1.14 -9.60 33.37
CA PRO C 291 1.92 -9.13 34.53
C PRO C 291 1.15 -9.03 35.81
N ALA C 292 -0.08 -8.54 35.67
CA ALA C 292 -1.01 -8.39 36.77
C ALA C 292 -1.04 -9.75 37.46
N LEU C 293 -1.15 -10.83 36.69
CA LEU C 293 -1.07 -12.18 37.26
C LEU C 293 0.24 -12.63 37.91
N GLU C 294 1.41 -11.99 37.71
CA GLU C 294 2.49 -12.26 38.69
C GLU C 294 2.81 -11.09 39.60
N GLY C 295 1.78 -10.42 40.09
CA GLY C 295 1.95 -9.38 41.15
C GLY C 295 2.52 -8.04 40.71
N ALA C 296 2.55 -7.06 41.62
CA ALA C 296 2.94 -5.70 41.31
C ALA C 296 4.36 -5.62 40.81
N GLU C 297 5.26 -5.35 41.72
CA GLU C 297 6.67 -5.51 41.38
C GLU C 297 6.92 -5.90 39.85
N ARG C 298 6.21 -6.90 39.31
CA ARG C 298 6.20 -7.22 37.84
C ARG C 298 5.44 -6.24 36.86
N VAL C 299 4.13 -6.15 36.94
CA VAL C 299 3.40 -5.00 36.49
C VAL C 299 4.24 -3.73 36.65
N ALA C 300 4.54 -3.31 37.86
CA ALA C 300 5.50 -2.22 38.05
C ALA C 300 6.62 -2.17 37.00
N ALA C 301 7.23 -3.33 36.72
CA ALA C 301 8.29 -3.37 35.70
C ALA C 301 7.74 -2.95 34.32
N TRP C 302 6.85 -3.76 33.77
CA TRP C 302 6.13 -3.33 32.61
C TRP C 302 5.85 -1.82 32.54
N ILE C 303 5.08 -1.28 33.46
CA ILE C 303 4.74 0.11 33.36
C ILE C 303 6.01 0.98 33.27
N GLY C 304 6.92 0.89 34.23
CA GLY C 304 8.11 1.74 34.23
C GLY C 304 8.98 1.52 33.02
N ASP C 305 8.88 0.34 32.39
CA ASP C 305 9.45 0.21 31.07
C ASP C 305 8.77 1.17 30.03
N TYR C 306 7.47 1.05 29.92
CA TYR C 306 6.72 1.93 29.12
C TYR C 306 7.07 3.39 29.37
N LEU C 307 7.29 3.79 30.63
CA LEU C 307 7.54 5.21 30.76
C LEU C 307 8.98 5.52 30.45
N GLU C 308 9.88 4.53 30.63
CA GLU C 308 11.30 4.82 30.45
C GLU C 308 11.39 5.12 28.97
N GLU C 309 10.73 4.27 28.14
CA GLU C 309 10.61 4.38 26.66
C GLU C 309 9.95 5.70 26.27
N LEU C 310 8.66 5.85 26.60
CA LEU C 310 8.00 7.15 26.58
C LEU C 310 8.96 8.38 26.78
N ARG C 311 9.71 8.43 27.90
CA ARG C 311 10.55 9.54 28.24
C ARG C 311 11.46 9.69 27.07
N THR C 312 12.08 8.59 26.69
CA THR C 312 13.09 8.53 25.65
C THR C 312 12.49 9.00 24.34
N ALA C 313 11.26 8.62 24.06
CA ALA C 313 10.60 8.97 22.82
C ALA C 313 10.39 10.46 22.87
N LEU C 314 9.85 10.90 23.99
CA LEU C 314 9.59 12.33 24.14
C LEU C 314 10.86 13.13 23.96
N PHE C 315 11.95 12.62 24.49
CA PHE C 315 13.24 13.21 24.34
C PHE C 315 13.71 13.19 22.89
N ALA C 316 13.71 12.03 22.25
CA ALA C 316 13.91 11.97 20.78
C ALA C 316 13.16 13.06 19.90
N ILE C 317 11.96 13.52 20.31
CA ILE C 317 11.02 14.32 19.53
C ILE C 317 11.16 15.81 19.85
N GLY C 318 11.94 16.06 20.90
CA GLY C 318 12.17 17.43 21.44
C GLY C 318 11.15 18.00 22.39
N ALA C 319 10.26 17.16 22.83
CA ALA C 319 9.32 17.51 23.83
C ALA C 319 9.99 17.32 25.14
N ARG C 320 9.97 18.41 25.91
CA ARG C 320 10.40 18.43 27.27
C ARG C 320 9.33 17.76 28.16
N ASN C 321 8.07 17.63 27.72
CA ASN C 321 6.97 17.02 28.55
C ASN C 321 5.80 16.50 27.70
N PRO C 322 5.02 15.51 28.20
CA PRO C 322 3.95 15.03 27.41
C PRO C 322 3.13 16.07 26.64
N LYS C 323 2.86 17.32 27.15
CA LYS C 323 1.96 18.25 26.40
C LYS C 323 2.76 18.78 25.26
N GLU C 324 4.02 19.05 25.48
CA GLU C 324 4.84 19.54 24.39
C GLU C 324 4.98 18.60 23.17
N ALA C 325 4.37 17.44 23.19
CA ALA C 325 4.50 16.54 22.08
C ALA C 325 3.45 16.81 20.93
N ARG C 326 2.39 17.64 21.17
CA ARG C 326 1.26 17.84 20.19
C ARG C 326 2.00 18.38 19.01
N GLY C 327 1.82 17.82 17.82
CA GLY C 327 2.39 18.39 16.63
C GLY C 327 3.61 17.70 16.10
N ARG C 328 4.25 16.93 16.99
CA ARG C 328 5.60 16.42 16.74
C ARG C 328 5.59 15.16 15.96
N VAL C 329 4.61 15.02 15.08
CA VAL C 329 4.50 13.85 14.31
C VAL C 329 4.06 14.25 12.91
N GLU C 330 4.20 13.37 11.93
CA GLU C 330 3.81 13.61 10.56
C GLU C 330 3.41 12.28 10.02
N ARG C 331 2.71 12.33 8.85
CA ARG C 331 2.02 11.16 8.35
C ARG C 331 3.09 10.34 7.65
N VAL C 332 3.41 9.19 8.25
CA VAL C 332 4.32 8.17 7.71
C VAL C 332 3.88 7.91 6.30
N LYS D 9 31.81 -5.91 20.06
CA LYS D 9 31.05 -5.33 21.22
C LYS D 9 29.84 -4.55 20.63
N HIS D 10 29.90 -3.19 20.59
CA HIS D 10 29.27 -2.38 19.52
C HIS D 10 29.65 -2.99 18.19
N LEU D 11 30.97 -3.11 18.03
CA LEU D 11 31.55 -3.93 17.02
C LEU D 11 30.81 -5.24 16.73
N GLU D 12 30.90 -6.25 17.60
CA GLU D 12 30.32 -7.53 17.15
C GLU D 12 28.79 -7.57 17.25
N ALA D 13 28.20 -6.51 17.83
CA ALA D 13 26.77 -6.21 17.63
C ALA D 13 26.48 -5.99 16.13
N CYS D 14 27.19 -5.02 15.52
CA CYS D 14 27.07 -4.68 14.08
C CYS D 14 27.33 -5.82 13.16
N LEU D 15 28.15 -6.73 13.66
CA LEU D 15 28.55 -7.89 12.93
C LEU D 15 27.53 -8.99 13.20
N GLU D 16 27.37 -9.46 14.44
CA GLU D 16 26.48 -10.62 14.76
C GLU D 16 24.99 -10.27 14.70
N GLY D 17 24.55 -9.16 15.35
CA GLY D 17 23.13 -8.76 15.50
C GLY D 17 22.39 -8.09 14.31
N GLU D 18 21.07 -8.29 14.21
CA GLU D 18 20.22 -7.58 13.22
C GLU D 18 19.86 -6.24 13.85
N VAL D 19 20.73 -5.28 13.55
CA VAL D 19 20.79 -3.98 14.13
C VAL D 19 20.34 -2.96 13.10
N ALA D 20 20.09 -3.45 11.87
CA ALA D 20 19.62 -2.66 10.73
C ALA D 20 18.22 -2.32 11.02
N TYR D 21 17.75 -1.18 10.55
CA TYR D 21 16.37 -0.89 10.90
C TYR D 21 15.44 -1.98 10.35
N GLN D 22 14.49 -2.40 11.15
CA GLN D 22 13.58 -3.48 10.80
C GLN D 22 12.32 -2.96 10.17
N LYS D 23 11.93 -1.72 10.44
CA LYS D 23 10.68 -1.26 9.92
C LYS D 23 10.87 -0.03 9.12
N THR D 24 11.34 1.08 9.69
CA THR D 24 11.73 2.29 8.95
C THR D 24 12.70 1.88 7.84
N THR D 25 12.65 2.61 6.72
CA THR D 25 13.45 2.31 5.54
C THR D 25 13.95 3.71 5.09
N THR D 26 15.06 3.78 4.34
CA THR D 26 15.59 5.04 3.84
C THR D 26 14.63 5.96 3.02
N GLY D 27 13.61 5.34 2.38
CA GLY D 27 12.66 6.05 1.59
C GLY D 27 13.17 6.13 0.18
N LEU D 28 14.39 5.70 -0.05
CA LEU D 28 15.02 5.86 -1.36
C LEU D 28 14.28 4.99 -2.34
N GLU D 29 13.94 3.81 -1.85
CA GLU D 29 13.07 2.94 -2.50
C GLU D 29 11.74 3.56 -2.58
N GLY D 30 11.56 4.85 -2.66
CA GLY D 30 10.23 5.32 -2.99
C GLY D 30 10.35 6.43 -3.99
N PHE D 31 11.36 6.28 -4.86
CA PHE D 31 11.97 7.33 -5.72
C PHE D 31 12.55 6.58 -6.88
N ARG D 32 12.39 7.19 -8.05
CA ARG D 32 12.65 6.46 -9.22
C ARG D 32 13.74 7.26 -9.87
N LEU D 33 14.85 6.53 -10.19
CA LEU D 33 15.95 7.25 -10.92
C LEU D 33 15.19 7.53 -12.28
N ARG D 34 15.14 9.00 -12.47
CA ARG D 34 14.50 9.43 -13.61
C ARG D 34 15.45 8.90 -14.62
N TYR D 35 15.12 7.72 -15.29
CA TYR D 35 16.16 7.22 -16.32
C TYR D 35 16.25 7.97 -17.58
N GLN D 36 17.40 7.99 -18.46
CA GLN D 36 17.20 8.84 -19.60
C GLN D 36 17.93 8.18 -20.76
N ALA D 37 17.22 7.43 -21.61
CA ALA D 37 17.83 6.57 -22.59
C ALA D 37 18.41 7.34 -23.71
N LEU D 38 17.85 8.50 -23.99
CA LEU D 38 18.41 9.37 -25.07
C LEU D 38 19.08 10.59 -24.42
N ALA D 39 19.50 10.39 -23.18
CA ALA D 39 20.30 11.40 -22.49
C ALA D 39 21.39 11.84 -23.48
N GLY D 40 21.77 10.89 -24.33
CA GLY D 40 22.89 11.13 -25.20
C GLY D 40 24.31 11.44 -24.74
N LEU D 41 24.82 10.77 -23.71
CA LEU D 41 26.20 11.03 -23.35
C LEU D 41 27.04 9.75 -23.27
N ALA D 42 28.36 9.91 -23.05
CA ALA D 42 29.32 8.78 -23.04
C ALA D 42 29.64 8.34 -21.60
N LEU D 43 29.61 6.99 -21.37
CA LEU D 43 29.80 6.48 -20.04
C LEU D 43 31.20 6.91 -19.63
N SER D 44 32.19 6.76 -20.55
CA SER D 44 33.57 7.28 -20.19
C SER D 44 33.47 8.75 -19.74
N GLU D 45 32.46 9.50 -20.14
CA GLU D 45 32.57 10.87 -19.82
C GLU D 45 32.01 11.15 -18.49
N VAL D 46 31.45 10.13 -17.85
CA VAL D 46 30.92 10.49 -16.55
C VAL D 46 31.95 10.47 -15.44
N ASP D 47 32.06 11.66 -14.80
CA ASP D 47 33.14 12.11 -13.88
C ASP D 47 32.86 12.27 -12.36
N LEU D 48 33.11 11.17 -11.61
CA LEU D 48 32.89 11.10 -10.14
C LEU D 48 33.68 12.13 -9.29
N THR D 49 34.69 12.74 -9.89
CA THR D 49 35.57 13.69 -9.21
C THR D 49 34.73 14.76 -8.54
N THR D 50 35.07 15.05 -7.27
CA THR D 50 34.31 15.90 -6.34
C THR D 50 35.38 16.48 -5.46
N PRO D 51 35.34 17.81 -5.20
CA PRO D 51 36.19 18.39 -4.16
C PRO D 51 35.41 18.53 -2.82
N PHE D 52 35.93 17.94 -1.75
CA PHE D 52 35.24 17.93 -0.45
C PHE D 52 36.13 18.48 0.66
N LEU D 53 35.66 19.48 1.42
CA LEU D 53 36.39 19.87 2.67
C LEU D 53 37.85 20.19 2.36
N GLY D 54 38.08 21.16 1.46
CA GLY D 54 39.41 21.52 0.97
C GLY D 54 40.31 20.53 0.22
N LYS D 55 40.03 19.22 0.27
CA LYS D 55 40.74 18.22 -0.57
C LYS D 55 39.98 17.87 -1.89
N THR D 56 40.26 16.73 -2.55
CA THR D 56 39.61 16.42 -3.84
C THR D 56 39.51 14.95 -3.99
N LEU D 57 38.32 14.42 -4.26
CA LEU D 57 38.25 12.99 -4.40
C LEU D 57 37.82 12.48 -5.78
N LYS D 58 38.22 11.25 -5.97
CA LYS D 58 37.98 10.54 -7.14
C LYS D 58 36.55 10.07 -7.17
N ALA D 59 35.75 10.36 -6.13
CA ALA D 59 34.35 9.89 -6.07
C ALA D 59 33.64 10.76 -5.08
N PRO D 60 32.30 10.86 -5.11
CA PRO D 60 31.64 11.66 -4.03
C PRO D 60 31.36 10.78 -2.76
N PHE D 61 32.37 10.29 -2.08
CA PHE D 61 32.08 9.08 -1.31
C PHE D 61 32.90 9.08 -0.08
N LEU D 62 32.38 8.62 1.05
CA LEU D 62 33.25 8.49 2.22
C LEU D 62 33.04 7.19 2.80
N ILE D 63 34.11 6.58 3.25
CA ILE D 63 33.98 5.50 4.21
C ILE D 63 33.54 6.18 5.50
N GLY D 64 32.85 5.40 6.31
CA GLY D 64 32.23 6.03 7.45
C GLY D 64 32.72 5.48 8.76
N ALA D 65 32.43 6.30 9.80
CA ALA D 65 32.99 6.17 11.15
C ALA D 65 32.82 4.73 11.59
N MET D 66 33.87 4.12 12.10
CA MET D 66 33.68 2.80 12.67
C MET D 66 34.39 2.55 14.04
N THR D 67 34.10 1.47 14.76
CA THR D 67 34.59 1.41 16.15
C THR D 67 34.94 0.00 16.62
N GLU D 74 41.34 -0.10 14.02
CA GLU D 74 42.77 0.18 14.05
C GLU D 74 43.57 -0.96 13.49
N ARG D 75 42.86 -2.08 13.19
CA ARG D 75 43.15 -3.13 12.14
C ARG D 75 42.12 -2.93 11.01
N ILE D 76 40.84 -2.79 11.39
CA ILE D 76 39.80 -2.33 10.45
C ILE D 76 40.09 -0.89 9.94
N ASN D 77 40.32 0.07 10.84
CA ASN D 77 40.74 1.39 10.38
C ASN D 77 41.89 1.40 9.36
N LEU D 78 42.60 0.29 9.31
CA LEU D 78 43.83 0.32 8.52
C LEU D 78 43.47 -0.14 7.19
N ALA D 79 42.86 -1.32 7.16
CA ALA D 79 42.17 -1.75 5.94
C ALA D 79 41.37 -0.63 5.21
N LEU D 80 40.57 0.16 5.97
CA LEU D 80 39.67 1.13 5.35
C LEU D 80 40.47 2.24 4.80
N ALA D 81 41.34 2.74 5.66
CA ALA D 81 42.03 3.94 5.30
C ALA D 81 42.87 3.58 4.10
N GLU D 82 43.19 2.29 3.93
CA GLU D 82 44.03 1.84 2.78
C GLU D 82 43.28 2.05 1.52
N ALA D 83 42.10 1.41 1.48
CA ALA D 83 41.12 1.59 0.43
C ALA D 83 40.84 3.10 0.15
N ALA D 84 40.70 3.92 1.18
CA ALA D 84 40.58 5.35 0.92
C ALA D 84 41.74 5.92 0.12
N GLU D 85 42.99 5.55 0.47
CA GLU D 85 44.14 5.92 -0.43
C GLU D 85 44.15 5.27 -1.82
N ALA D 86 43.87 3.96 -1.97
CA ALA D 86 43.75 3.37 -3.26
C ALA D 86 42.66 4.08 -4.07
N LEU D 87 41.38 4.02 -3.68
CA LEU D 87 40.34 4.51 -4.59
C LEU D 87 40.18 6.01 -4.69
N GLY D 88 40.81 6.74 -3.79
CA GLY D 88 40.82 8.16 -3.89
C GLY D 88 39.56 8.82 -3.40
N VAL D 89 39.11 8.36 -2.23
CA VAL D 89 37.86 8.74 -1.55
C VAL D 89 38.11 9.17 -0.12
N GLY D 90 37.13 9.91 0.47
CA GLY D 90 37.08 10.28 1.92
C GLY D 90 37.08 9.10 2.91
N MET D 91 37.52 9.37 4.15
CA MET D 91 37.26 8.46 5.25
C MET D 91 36.99 9.30 6.47
N MET D 92 35.95 8.88 7.17
CA MET D 92 35.61 9.32 8.53
C MET D 92 36.12 8.30 9.51
N LEU D 93 37.00 8.78 10.38
CA LEU D 93 37.58 7.96 11.43
C LEU D 93 36.50 7.68 12.48
N GLY D 94 36.55 6.48 13.07
CA GLY D 94 35.79 6.27 14.30
C GLY D 94 36.11 7.35 15.35
N SER D 95 35.18 7.56 16.28
CA SER D 95 35.34 8.52 17.41
C SER D 95 36.72 8.41 18.07
N GLY D 96 37.38 9.57 18.20
CA GLY D 96 38.67 9.68 18.87
C GLY D 96 38.47 10.19 20.28
N ARG D 97 37.42 9.69 20.93
CA ARG D 97 37.09 9.97 22.34
C ARG D 97 38.23 9.43 23.20
N ILE D 98 38.35 8.10 23.23
CA ILE D 98 39.54 7.42 23.66
C ILE D 98 40.80 8.23 23.40
N LEU D 99 41.01 8.65 22.17
CA LEU D 99 42.26 9.33 21.78
C LEU D 99 42.49 10.57 22.66
N LEU D 100 41.46 11.39 22.80
CA LEU D 100 41.50 12.48 23.74
C LEU D 100 41.79 11.95 25.11
N GLU D 101 41.22 10.82 25.47
CA GLU D 101 41.23 10.34 26.86
C GLU D 101 42.59 9.81 27.39
N ARG D 102 43.13 8.92 26.56
CA ARG D 102 44.26 8.06 26.78
C ARG D 102 45.14 8.38 25.57
N PRO D 103 45.62 9.61 25.63
CA PRO D 103 46.24 10.27 24.51
C PRO D 103 47.29 9.37 23.76
N GLU D 104 48.05 8.59 24.54
CA GLU D 104 49.06 7.60 24.11
C GLU D 104 48.42 6.36 23.52
N ALA D 105 47.81 6.49 22.35
CA ALA D 105 47.22 5.36 21.62
C ALA D 105 47.08 5.70 20.08
N VAL D 111 47.81 6.29 12.03
CA VAL D 111 47.20 5.49 10.94
C VAL D 111 47.08 6.23 9.54
N ARG D 112 47.38 7.53 9.57
CA ARG D 112 47.68 8.38 8.40
C ARG D 112 48.84 7.87 7.53
N LYS D 113 49.47 6.79 7.95
CA LYS D 113 50.71 6.39 7.33
C LYS D 113 50.30 5.32 6.33
N VAL D 114 49.08 4.81 6.49
CA VAL D 114 48.59 3.85 5.53
C VAL D 114 47.92 4.57 4.36
N ALA D 115 47.81 5.88 4.48
CA ALA D 115 47.03 6.72 3.62
C ALA D 115 47.47 8.17 3.83
N PRO D 116 48.72 8.45 3.35
CA PRO D 116 49.45 9.71 3.23
C PRO D 116 48.56 10.88 2.89
N LYS D 117 48.08 10.98 1.65
CA LYS D 117 47.36 12.20 1.22
C LYS D 117 45.76 12.08 1.20
N ALA D 118 45.21 10.91 1.54
CA ALA D 118 43.74 10.71 1.70
C ALA D 118 42.99 11.80 2.50
N LEU D 119 41.67 11.87 2.36
CA LEU D 119 40.85 12.77 3.14
C LEU D 119 40.43 11.99 4.38
N LEU D 120 41.17 12.16 5.48
CA LEU D 120 40.72 11.67 6.77
C LEU D 120 39.92 12.77 7.44
N ILE D 121 38.66 12.43 7.83
CA ILE D 121 37.79 13.28 8.65
C ILE D 121 37.76 12.73 10.10
N ALA D 122 38.07 13.63 11.07
CA ALA D 122 38.28 13.27 12.47
C ALA D 122 36.90 13.28 13.08
N ASN D 123 36.69 12.34 14.00
CA ASN D 123 35.35 12.20 14.58
C ASN D 123 35.19 12.44 16.12
N LEU D 124 34.49 13.52 16.48
CA LEU D 124 34.27 13.72 17.85
C LEU D 124 32.93 13.37 18.44
N GLY D 125 31.82 14.00 18.07
CA GLY D 125 30.69 13.74 19.00
C GLY D 125 30.30 15.00 19.71
N LEU D 126 29.25 15.61 19.21
CA LEU D 126 28.90 16.97 19.55
C LEU D 126 28.88 17.16 21.06
N ALA D 127 28.44 16.14 21.81
CA ALA D 127 28.29 16.24 23.26
C ALA D 127 29.61 16.24 24.01
N GLN D 128 30.71 15.97 23.35
CA GLN D 128 31.92 16.04 24.08
C GLN D 128 32.41 17.43 24.34
N LEU D 129 32.07 18.36 23.48
CA LEU D 129 32.18 19.76 23.77
C LEU D 129 31.65 20.04 25.19
N ARG D 130 30.97 19.08 25.80
CA ARG D 130 30.66 19.25 27.23
C ARG D 130 31.94 19.26 28.10
N ARG D 131 32.87 18.36 27.85
CA ARG D 131 34.21 18.43 28.42
C ARG D 131 35.32 18.79 27.50
N TYR D 132 35.09 19.06 26.24
CA TYR D 132 36.23 19.52 25.44
C TYR D 132 36.09 20.92 24.88
N GLY D 133 37.26 21.46 24.53
CA GLY D 133 37.40 22.86 24.05
C GLY D 133 38.25 22.86 22.79
N ARG D 134 38.43 24.06 22.22
CA ARG D 134 39.27 24.17 21.04
C ARG D 134 40.59 23.36 21.13
N ASP D 135 41.44 23.59 22.13
CA ASP D 135 42.78 23.00 22.08
C ASP D 135 42.79 21.51 21.80
N ASP D 136 41.76 20.85 22.34
CA ASP D 136 41.73 19.37 22.42
C ASP D 136 41.20 18.89 21.12
N LEU D 137 40.32 19.74 20.60
CA LEU D 137 39.78 19.55 19.30
C LEU D 137 41.01 19.46 18.37
N LEU D 138 41.74 20.61 18.32
CA LEU D 138 43.01 20.82 17.56
C LEU D 138 43.94 19.65 17.81
N ARG D 139 44.38 19.45 19.06
CA ARG D 139 45.16 18.26 19.39
C ARG D 139 44.64 16.95 18.72
N LEU D 140 43.33 16.75 18.72
CA LEU D 140 42.71 15.53 18.21
C LEU D 140 42.92 15.37 16.72
N VAL D 141 42.69 16.49 16.03
CA VAL D 141 42.87 16.61 14.60
C VAL D 141 44.33 16.25 14.23
N GLU D 142 45.29 17.01 14.83
CA GLU D 142 46.74 16.75 14.84
C GLU D 142 47.11 15.31 15.19
N MET D 143 47.00 14.87 16.44
CA MET D 143 47.54 13.54 16.76
C MET D 143 47.18 12.55 15.65
N LEU D 144 46.03 12.80 15.05
CA LEU D 144 45.42 11.82 14.17
C LEU D 144 45.83 12.06 12.74
N GLU D 145 45.88 13.33 12.36
CA GLU D 145 46.47 13.75 11.12
C GLU D 145 45.40 13.90 10.09
N ALA D 146 44.69 15.02 10.12
CA ALA D 146 43.32 15.01 9.61
C ALA D 146 42.87 16.39 9.13
N ASP D 147 41.99 16.40 8.15
CA ASP D 147 41.83 17.55 7.33
C ASP D 147 40.65 18.23 7.90
N ALA D 148 39.77 17.38 8.48
CA ALA D 148 38.54 17.84 9.17
C ALA D 148 38.07 17.09 10.42
N LEU D 149 37.14 17.78 11.08
CA LEU D 149 36.51 17.38 12.32
C LEU D 149 35.07 17.34 11.94
N ALA D 150 34.50 16.14 12.07
CA ALA D 150 33.06 15.93 12.00
C ALA D 150 32.66 15.57 13.43
N PHE D 151 31.74 16.38 14.03
CA PHE D 151 31.07 16.14 15.34
C PHE D 151 29.71 15.49 15.10
N HIS D 152 29.56 14.29 15.63
CA HIS D 152 28.38 13.52 15.42
C HIS D 152 27.41 13.87 16.54
N VAL D 153 26.13 14.09 16.27
CA VAL D 153 25.13 14.28 17.34
C VAL D 153 24.20 13.08 17.32
N ASN D 154 23.69 12.67 18.48
CA ASN D 154 22.86 11.48 18.54
C ASN D 154 22.11 11.22 19.88
N PRO D 155 21.23 12.10 20.25
CA PRO D 155 20.60 11.81 21.52
C PRO D 155 19.90 10.45 21.68
N LEU D 156 19.39 9.90 20.58
CA LEU D 156 18.51 8.80 20.75
C LEU D 156 19.42 7.63 21.01
N GLN D 157 20.49 7.53 20.21
CA GLN D 157 21.47 6.51 20.51
C GLN D 157 21.92 6.62 21.94
N GLU D 158 22.07 7.83 22.45
CA GLU D 158 22.65 8.00 23.75
C GLU D 158 21.78 7.56 24.81
N ALA D 159 20.51 7.92 24.69
CA ALA D 159 19.55 7.78 25.74
C ALA D 159 19.36 6.27 25.88
N VAL D 160 19.48 5.53 24.79
CA VAL D 160 19.17 4.11 24.80
C VAL D 160 20.33 3.33 25.36
N GLN D 161 21.50 3.84 25.14
CA GLN D 161 22.67 3.28 25.77
C GLN D 161 22.85 4.00 27.08
N ARG D 162 21.93 3.82 28.02
CA ARG D 162 21.86 4.71 29.17
C ARG D 162 23.22 5.43 29.45
N GLY D 163 23.33 6.70 29.03
CA GLY D 163 24.61 7.46 29.00
C GLY D 163 24.76 8.79 29.76
N ASP D 164 25.72 9.63 29.24
CA ASP D 164 25.66 11.15 29.26
C ASP D 164 24.68 11.43 28.15
N THR D 165 23.75 12.34 28.42
CA THR D 165 22.60 12.43 27.60
C THR D 165 22.02 13.79 27.84
N ASP D 166 22.91 14.68 28.23
CA ASP D 166 22.68 16.09 28.32
C ASP D 166 23.17 16.62 26.99
N PHE D 167 22.22 17.10 26.21
CA PHE D 167 22.51 17.63 24.95
C PHE D 167 22.20 19.05 24.96
N ARG D 168 21.86 19.58 26.14
CA ARG D 168 21.69 21.06 26.38
C ARG D 168 22.88 21.81 25.78
N GLY D 169 22.55 22.82 24.97
CA GLY D 169 23.49 23.90 24.64
C GLY D 169 24.64 23.55 23.75
N LEU D 170 24.72 22.31 23.32
CA LEU D 170 25.60 21.84 22.25
C LEU D 170 25.85 22.68 20.99
N VAL D 171 24.78 23.19 20.40
CA VAL D 171 24.89 23.86 19.11
C VAL D 171 25.51 25.13 19.41
N GLU D 172 24.93 25.90 20.31
CA GLU D 172 25.49 27.21 20.67
C GLU D 172 26.94 27.08 21.16
N ARG D 173 27.23 26.09 21.97
CA ARG D 173 28.63 25.86 22.31
C ARG D 173 29.48 25.78 21.02
N LEU D 174 29.25 24.74 20.18
CA LEU D 174 29.86 24.61 18.86
C LEU D 174 29.91 25.93 18.14
N ALA D 175 28.78 26.54 17.89
CA ALA D 175 28.70 27.93 17.40
C ALA D 175 29.66 29.00 17.91
N GLU D 176 30.37 28.81 19.02
CA GLU D 176 31.29 29.90 19.45
C GLU D 176 32.71 29.32 19.31
N LEU D 177 32.99 28.29 20.10
CA LEU D 177 33.99 27.28 19.76
C LEU D 177 34.10 27.02 18.26
N LEU D 178 33.17 27.49 17.41
CA LEU D 178 33.37 27.28 15.96
C LEU D 178 34.36 28.26 15.52
N PRO D 179 34.06 29.08 14.48
CA PRO D 179 34.85 29.19 13.16
C PRO D 179 36.27 28.57 13.32
N LEU D 180 36.54 27.30 12.98
CA LEU D 180 37.72 26.61 13.57
C LEU D 180 38.99 26.74 12.71
N PRO D 181 40.13 26.06 13.06
CA PRO D 181 41.24 26.12 12.06
C PRO D 181 41.15 25.08 10.95
N PHE D 182 40.10 24.27 10.92
CA PHE D 182 39.82 23.40 9.75
C PHE D 182 38.31 23.43 9.39
N PRO D 183 37.98 22.85 8.23
CA PRO D 183 36.65 22.31 8.02
C PRO D 183 36.11 21.44 9.21
N VAL D 184 34.90 21.83 9.66
CA VAL D 184 34.07 21.06 10.58
C VAL D 184 32.75 20.67 9.95
N MET D 185 32.35 19.44 10.22
CA MET D 185 31.02 19.02 9.78
C MET D 185 30.16 18.38 10.92
N VAL D 186 28.84 18.61 10.89
CA VAL D 186 27.86 18.00 11.84
C VAL D 186 27.23 16.79 11.19
N LYS D 187 26.75 15.88 12.00
CA LYS D 187 26.51 14.60 11.51
C LYS D 187 25.66 13.83 12.51
N GLU D 188 24.53 13.21 12.13
CA GLU D 188 23.84 12.18 12.97
C GLU D 188 24.54 10.78 12.85
N VAL D 189 23.97 9.76 13.43
CA VAL D 189 24.63 8.49 13.40
C VAL D 189 23.75 7.44 12.70
N GLY D 190 22.54 7.84 12.27
CA GLY D 190 21.65 6.90 11.55
C GLY D 190 20.20 6.97 11.93
N HIS D 191 19.93 7.98 12.74
CA HIS D 191 18.63 8.38 13.09
C HIS D 191 18.35 9.66 12.36
N GLY D 192 19.31 10.23 11.66
CA GLY D 192 18.99 11.30 10.71
C GLY D 192 18.76 12.69 11.27
N LEU D 193 18.90 13.70 10.41
CA LEU D 193 18.72 15.07 10.85
C LEU D 193 17.60 15.62 10.08
N SER D 194 16.73 16.30 10.85
CA SER D 194 15.41 16.82 10.42
C SER D 194 15.54 18.18 9.82
N ARG D 195 14.47 18.66 9.18
CA ARG D 195 14.52 20.06 8.76
C ARG D 195 14.87 21.06 9.91
N GLU D 196 14.30 20.84 11.09
CA GLU D 196 14.64 21.64 12.25
C GLU D 196 16.09 21.49 12.75
N ALA D 197 16.70 20.31 12.67
CA ALA D 197 18.15 20.17 13.00
C ALA D 197 18.97 21.08 12.15
N ALA D 198 18.86 20.89 10.87
CA ALA D 198 19.48 21.78 9.88
C ALA D 198 19.18 23.20 10.25
N LEU D 199 17.97 23.49 10.64
CA LEU D 199 17.69 24.83 10.99
C LEU D 199 18.58 25.33 12.11
N ALA D 200 18.79 24.43 13.07
CA ALA D 200 19.54 24.75 14.28
C ALA D 200 20.95 25.01 13.82
N LEU D 201 21.47 24.20 12.88
CA LEU D 201 22.78 24.42 12.34
C LEU D 201 22.82 25.49 11.27
N ARG D 202 21.72 26.18 10.94
CA ARG D 202 21.75 27.05 9.75
C ARG D 202 22.86 28.06 9.85
N ASP D 203 22.84 28.90 10.87
CA ASP D 203 23.75 30.04 10.95
C ASP D 203 25.27 29.73 11.07
N LEU D 204 25.60 28.64 11.76
CA LEU D 204 26.98 28.21 11.95
C LEU D 204 27.84 28.04 10.68
N PRO D 205 29.11 28.47 10.73
CA PRO D 205 30.00 28.33 9.57
C PRO D 205 30.42 26.89 9.33
N LEU D 206 29.50 25.97 9.06
CA LEU D 206 29.90 24.55 8.98
C LEU D 206 30.49 24.26 7.59
N ALA D 207 31.38 23.29 7.42
CA ALA D 207 31.79 22.96 6.04
C ALA D 207 30.84 21.98 5.33
N ALA D 208 30.11 21.15 6.11
CA ALA D 208 29.22 20.15 5.54
C ALA D 208 28.27 19.74 6.64
N VAL D 209 27.27 18.94 6.27
CA VAL D 209 26.47 18.19 7.25
C VAL D 209 26.27 16.82 6.63
N ASP D 210 26.47 15.78 7.41
CA ASP D 210 26.09 14.56 6.86
C ASP D 210 24.77 14.16 7.56
N VAL D 211 23.69 13.93 6.82
CA VAL D 211 22.37 13.81 7.45
C VAL D 211 22.17 12.49 8.13
N ALA D 212 23.03 11.50 7.78
CA ALA D 212 22.97 10.16 8.42
C ALA D 212 21.59 9.73 8.89
N GLY D 213 20.75 9.36 7.90
CA GLY D 213 19.36 9.05 8.17
C GLY D 213 18.96 7.63 8.47
N ALA D 214 17.70 7.46 8.86
CA ALA D 214 17.21 6.15 9.13
C ALA D 214 17.12 5.36 7.85
N GLY D 215 17.07 4.05 8.06
CA GLY D 215 16.92 3.04 7.05
C GLY D 215 18.11 2.10 7.02
N GLY D 216 19.25 2.49 7.62
CA GLY D 216 20.38 1.58 7.58
C GLY D 216 20.60 0.84 8.87
N THR D 217 21.78 1.07 9.46
CA THR D 217 21.99 0.67 10.89
C THR D 217 21.23 1.59 11.86
N SER D 218 20.59 1.01 12.83
CA SER D 218 19.89 1.80 13.77
C SER D 218 20.80 1.84 14.94
N TRP D 219 21.39 3.00 15.20
CA TRP D 219 22.27 3.00 16.40
C TRP D 219 21.55 2.64 17.73
N ALA D 220 20.34 3.17 17.91
CA ALA D 220 19.49 2.58 18.90
C ALA D 220 19.29 1.00 18.75
N ARG D 221 19.25 0.38 17.58
CA ARG D 221 19.18 -1.09 17.68
C ARG D 221 20.51 -1.68 18.17
N VAL D 222 21.60 -1.08 17.74
CA VAL D 222 22.90 -1.48 18.26
C VAL D 222 22.94 -1.48 19.83
N GLU D 223 22.80 -0.33 20.50
CA GLU D 223 22.85 -0.26 21.96
C GLU D 223 21.89 -1.21 22.67
N GLU D 224 20.66 -1.39 22.20
CA GLU D 224 19.84 -2.48 22.77
C GLU D 224 20.43 -3.89 22.58
N TRP D 225 20.96 -4.16 21.41
CA TRP D 225 21.53 -5.49 21.16
C TRP D 225 22.69 -5.64 22.11
N VAL D 226 23.33 -4.54 22.50
CA VAL D 226 24.40 -4.65 23.44
C VAL D 226 23.84 -4.89 24.83
N ARG D 227 22.84 -4.10 25.25
CA ARG D 227 22.35 -4.36 26.58
C ARG D 227 21.66 -5.72 26.64
N PHE D 228 21.00 -6.17 25.60
CA PHE D 228 20.14 -7.30 25.81
C PHE D 228 20.37 -8.39 24.78
N GLY D 229 21.27 -8.27 23.81
CA GLY D 229 21.33 -9.33 22.75
C GLY D 229 20.02 -9.47 21.95
N GLU D 230 19.03 -8.71 22.39
CA GLU D 230 17.76 -8.49 21.66
C GLU D 230 17.49 -6.99 21.67
N VAL D 231 16.61 -6.56 20.77
CA VAL D 231 16.13 -5.18 20.80
C VAL D 231 14.85 -5.26 21.57
N ARG D 232 14.90 -4.85 22.84
CA ARG D 232 13.73 -4.94 23.71
C ARG D 232 12.61 -4.02 23.24
N HIS D 233 12.95 -2.78 22.83
CA HIS D 233 12.02 -1.74 22.34
C HIS D 233 12.02 -1.32 20.90
N PRO D 234 11.71 -2.24 19.98
CA PRO D 234 11.74 -2.19 18.51
C PRO D 234 11.33 -0.89 17.97
N GLU D 235 10.18 -0.42 18.44
CA GLU D 235 9.59 0.76 17.96
C GLU D 235 10.41 1.99 18.22
N LEU D 236 10.79 2.19 19.49
CA LEU D 236 11.67 3.27 19.91
C LEU D 236 12.88 3.30 18.97
N CYS D 237 13.49 2.16 18.80
CA CYS D 237 14.62 2.16 17.97
C CYS D 237 14.39 2.38 16.50
N GLU D 238 13.14 2.40 15.99
CA GLU D 238 12.90 2.78 14.57
C GLU D 238 12.72 4.28 14.39
N ILE D 239 12.61 4.98 15.50
CA ILE D 239 12.39 6.40 15.44
C ILE D 239 13.44 7.07 14.62
N GLY D 240 13.15 7.81 13.56
CA GLY D 240 14.31 8.47 12.93
C GLY D 240 13.84 9.27 11.76
N ILE D 241 14.74 9.98 11.11
CA ILE D 241 14.31 10.61 9.88
C ILE D 241 14.92 9.83 8.78
N PRO D 242 14.06 9.21 7.89
CA PRO D 242 14.60 8.36 6.83
C PRO D 242 15.48 9.18 5.92
N THR D 243 16.49 8.49 5.40
CA THR D 243 17.56 9.21 4.73
C THR D 243 16.98 10.09 3.64
N ALA D 244 16.18 9.51 2.76
CA ALA D 244 15.73 10.25 1.61
C ALA D 244 15.13 11.54 2.14
N ARG D 245 14.37 11.44 3.23
CA ARG D 245 13.75 12.70 3.59
C ARG D 245 14.76 13.65 4.18
N ALA D 246 15.76 13.15 4.87
CA ALA D 246 16.65 14.07 5.57
C ALA D 246 17.42 14.94 4.55
N ILE D 247 17.96 14.26 3.56
CA ILE D 247 18.45 14.91 2.40
C ILE D 247 17.49 16.05 2.00
N LEU D 248 16.26 15.67 1.72
CA LEU D 248 15.28 16.62 1.29
C LEU D 248 15.10 17.74 2.25
N GLU D 249 14.85 17.42 3.48
CA GLU D 249 14.59 18.51 4.43
C GLU D 249 15.85 19.30 4.67
N VAL D 250 16.96 18.60 4.96
CA VAL D 250 18.14 19.29 5.35
C VAL D 250 18.40 20.25 4.26
N ARG D 251 18.25 19.75 3.04
CA ARG D 251 18.54 20.55 1.85
C ARG D 251 17.57 21.69 1.61
N GLU D 252 16.29 21.63 1.96
CA GLU D 252 15.56 22.87 1.70
C GLU D 252 16.10 23.98 2.57
N VAL D 253 16.71 23.62 3.70
CA VAL D 253 17.15 24.60 4.70
C VAL D 253 18.50 25.13 4.39
N LEU D 254 19.36 24.18 3.98
CA LEU D 254 20.76 24.45 3.72
C LEU D 254 21.01 24.29 2.20
N PRO D 255 20.47 25.28 1.40
CA PRO D 255 20.39 25.15 -0.06
C PRO D 255 21.70 24.88 -0.72
N HIS D 256 22.85 25.26 -0.13
CA HIS D 256 24.21 25.15 -0.76
C HIS D 256 25.36 24.41 -0.09
N LEU D 257 25.45 24.43 1.24
CA LEU D 257 26.40 23.61 2.02
C LEU D 257 26.65 22.25 1.45
N PRO D 258 27.90 21.81 1.32
CA PRO D 258 27.94 20.35 1.04
C PRO D 258 27.06 19.48 1.99
N LEU D 259 26.49 18.40 1.43
CA LEU D 259 25.74 17.38 2.20
C LEU D 259 26.14 15.98 1.94
N VAL D 260 26.41 15.25 3.01
CA VAL D 260 26.64 13.85 2.83
C VAL D 260 25.32 13.13 3.10
N ALA D 261 25.04 12.06 2.36
CA ALA D 261 23.83 11.34 2.47
C ALA D 261 24.33 10.01 2.87
N SER D 262 24.10 9.66 4.11
CA SER D 262 24.44 8.37 4.62
C SER D 262 23.27 7.87 5.47
N GLY D 263 23.24 6.56 5.64
CA GLY D 263 22.26 5.93 6.41
C GLY D 263 21.70 4.90 5.48
N GLY D 264 22.36 3.73 5.40
CA GLY D 264 21.91 2.61 4.51
C GLY D 264 21.73 2.98 3.02
N VAL D 265 22.54 3.93 2.50
CA VAL D 265 22.69 4.29 1.09
C VAL D 265 23.66 3.22 0.53
N TYR D 266 23.28 1.98 0.70
CA TYR D 266 24.20 0.91 0.58
C TYR D 266 24.40 0.45 -0.90
N THR D 267 23.85 1.10 -1.90
CA THR D 267 24.20 0.69 -3.27
C THR D 267 24.39 1.97 -4.05
N GLY D 268 25.11 1.89 -5.19
CA GLY D 268 25.39 3.05 -5.98
C GLY D 268 24.12 3.67 -6.59
N THR D 269 23.22 2.81 -7.06
CA THR D 269 21.96 3.26 -7.58
C THR D 269 21.24 4.15 -6.57
N ASP D 270 21.13 3.71 -5.30
CA ASP D 270 20.74 4.57 -4.14
C ASP D 270 21.59 5.76 -3.94
N GLY D 271 22.91 5.51 -3.96
CA GLY D 271 23.85 6.59 -4.10
C GLY D 271 23.32 7.70 -5.04
N ALA D 272 22.81 7.26 -6.18
CA ALA D 272 22.52 8.15 -7.18
C ALA D 272 21.25 8.86 -6.86
N LYS D 273 20.29 8.16 -6.25
CA LYS D 273 19.05 8.82 -5.85
C LYS D 273 19.29 9.79 -4.74
N ALA D 274 20.18 9.38 -3.84
CA ALA D 274 20.59 10.24 -2.75
C ALA D 274 21.14 11.53 -3.28
N LEU D 275 22.16 11.43 -4.10
CA LEU D 275 22.64 12.51 -4.95
C LEU D 275 21.52 13.16 -5.73
N ALA D 276 20.60 12.37 -6.25
CA ALA D 276 19.49 12.98 -6.98
C ALA D 276 18.57 13.90 -6.08
N LEU D 277 18.29 13.47 -4.86
CA LEU D 277 17.40 14.21 -3.96
C LEU D 277 18.04 15.48 -3.38
N GLY D 278 19.37 15.58 -3.40
CA GLY D 278 20.05 16.75 -2.86
C GLY D 278 21.47 16.58 -2.34
N ALA D 279 21.99 15.34 -2.38
CA ALA D 279 23.27 15.02 -1.79
C ALA D 279 24.44 15.27 -2.72
N ASP D 280 25.41 15.99 -2.16
CA ASP D 280 26.71 16.30 -2.79
C ASP D 280 27.60 15.14 -2.70
N LEU D 281 27.45 14.33 -1.64
CA LEU D 281 28.11 13.06 -1.61
C LEU D 281 27.50 12.02 -0.69
N LEU D 282 28.10 10.83 -0.67
CA LEU D 282 27.58 9.72 0.03
C LEU D 282 28.60 9.08 0.96
N ALA D 283 28.10 8.28 1.88
CA ALA D 283 28.95 7.63 2.83
C ALA D 283 28.24 6.38 3.31
N VAL D 284 28.96 5.25 3.33
CA VAL D 284 28.48 3.92 3.73
C VAL D 284 29.33 3.51 4.96
N ALA D 285 28.85 2.55 5.77
CA ALA D 285 29.64 2.08 6.93
C ALA D 285 29.36 0.62 7.28
N ARG D 286 28.33 0.32 8.04
CA ARG D 286 28.14 -1.06 8.48
C ARG D 286 28.38 -2.08 7.37
N PRO D 287 27.92 -1.75 6.13
CA PRO D 287 28.14 -2.79 5.16
C PRO D 287 29.62 -2.80 4.73
N LEU D 288 30.44 -1.85 5.19
CA LEU D 288 31.82 -1.79 4.79
C LEU D 288 32.65 -2.56 5.80
N LEU D 289 31.99 -3.17 6.77
CA LEU D 289 32.72 -3.63 7.95
C LEU D 289 33.15 -5.12 7.87
N ARG D 290 32.23 -5.99 7.51
CA ARG D 290 32.60 -7.32 7.12
C ARG D 290 33.76 -7.33 6.08
N PRO D 291 33.68 -6.52 4.97
CA PRO D 291 34.82 -6.36 4.09
C PRO D 291 36.06 -5.82 4.80
N ALA D 292 35.90 -5.00 5.82
CA ALA D 292 37.10 -4.57 6.58
C ALA D 292 37.69 -5.72 7.37
N LEU D 293 36.86 -6.61 7.90
CA LEU D 293 37.46 -7.72 8.60
C LEU D 293 38.46 -8.40 7.67
N GLU D 294 38.05 -8.91 6.52
CA GLU D 294 39.03 -9.57 5.61
C GLU D 294 40.14 -8.68 5.06
N GLY D 295 39.85 -7.42 4.73
CA GLY D 295 40.95 -6.44 4.59
C GLY D 295 41.19 -5.67 3.31
N ALA D 296 41.55 -4.38 3.52
CA ALA D 296 41.89 -3.35 2.52
C ALA D 296 41.54 -3.59 1.05
N GLU D 297 42.05 -4.70 0.49
CA GLU D 297 41.71 -5.23 -0.82
C GLU D 297 40.20 -5.22 -0.92
N ARG D 298 39.54 -6.04 -0.11
CA ARG D 298 38.08 -6.25 -0.19
C ARG D 298 37.27 -4.99 0.01
N VAL D 299 37.75 -4.17 0.91
CA VAL D 299 37.16 -2.84 1.12
C VAL D 299 37.03 -2.04 -0.18
N ALA D 300 38.11 -2.10 -0.98
CA ALA D 300 38.10 -1.45 -2.29
C ALA D 300 37.37 -2.28 -3.31
N ALA D 301 37.44 -3.59 -3.20
CA ALA D 301 36.66 -4.39 -4.11
C ALA D 301 35.16 -3.95 -3.96
N TRP D 302 34.70 -3.91 -2.70
CA TRP D 302 33.37 -3.38 -2.36
C TRP D 302 33.23 -1.91 -2.86
N ILE D 303 34.06 -0.96 -2.44
CA ILE D 303 33.79 0.43 -2.90
C ILE D 303 33.95 0.63 -4.38
N GLY D 304 35.05 0.17 -4.92
CA GLY D 304 35.21 0.33 -6.35
C GLY D 304 33.95 -0.16 -7.00
N ASP D 305 33.46 -1.25 -6.49
CA ASP D 305 32.24 -1.75 -7.09
C ASP D 305 31.04 -0.79 -7.00
N TYR D 306 30.80 -0.29 -5.80
CA TYR D 306 29.81 0.70 -5.55
C TYR D 306 30.06 1.89 -6.50
N LEU D 307 31.32 2.25 -6.62
CA LEU D 307 31.65 3.43 -7.39
C LEU D 307 31.30 3.30 -8.87
N GLU D 308 31.38 2.06 -9.40
CA GLU D 308 31.11 1.78 -10.84
C GLU D 308 29.59 1.58 -10.98
N GLU D 309 28.94 0.90 -10.02
CA GLU D 309 27.47 1.00 -9.95
C GLU D 309 26.98 2.48 -10.01
N LEU D 310 27.59 3.35 -9.22
CA LEU D 310 27.11 4.69 -9.17
C LEU D 310 27.36 5.35 -10.52
N ARG D 311 28.50 5.06 -11.16
CA ARG D 311 28.85 5.79 -12.41
C ARG D 311 27.83 5.43 -13.46
N THR D 312 27.68 4.16 -13.72
CA THR D 312 26.53 3.67 -14.51
C THR D 312 25.16 4.29 -14.24
N ALA D 313 24.85 4.56 -12.98
CA ALA D 313 23.49 4.98 -12.75
C ALA D 313 23.50 6.40 -13.02
N LEU D 314 24.51 7.07 -12.46
CA LEU D 314 24.77 8.46 -12.80
C LEU D 314 24.64 8.67 -14.34
N PHE D 315 25.00 7.63 -15.08
CA PHE D 315 25.08 7.65 -16.51
C PHE D 315 23.72 7.45 -17.16
N ALA D 316 23.10 6.31 -16.84
CA ALA D 316 21.72 5.97 -17.13
C ALA D 316 20.67 7.11 -16.84
N ILE D 317 20.98 8.17 -16.03
CA ILE D 317 19.97 9.29 -15.77
C ILE D 317 20.46 10.58 -16.42
N GLY D 318 21.57 10.39 -17.11
CA GLY D 318 22.13 11.42 -17.93
C GLY D 318 22.78 12.48 -17.13
N ALA D 319 23.58 12.11 -16.12
CA ALA D 319 24.18 13.08 -15.21
C ALA D 319 25.63 12.99 -15.50
N ARG D 320 26.24 14.08 -16.03
CA ARG D 320 27.65 14.00 -16.50
C ARG D 320 28.60 13.72 -15.35
N ASN D 321 28.27 14.27 -14.19
CA ASN D 321 29.03 14.21 -12.94
C ASN D 321 27.96 14.24 -11.83
N PRO D 322 28.35 14.03 -10.57
CA PRO D 322 27.35 14.06 -9.50
C PRO D 322 26.59 15.39 -9.30
N LYS D 323 27.21 16.54 -9.45
CA LYS D 323 26.40 17.77 -9.30
C LYS D 323 25.13 17.73 -10.15
N GLU D 324 25.23 16.97 -11.22
CA GLU D 324 24.30 17.00 -12.31
C GLU D 324 23.10 16.10 -12.10
N ALA D 325 23.05 15.41 -10.96
CA ALA D 325 21.91 14.54 -10.60
C ALA D 325 20.81 15.12 -9.72
N ARG D 326 21.13 16.20 -8.98
CA ARG D 326 20.16 17.04 -8.31
C ARG D 326 19.15 17.15 -9.44
N GLY D 327 17.88 16.88 -9.19
CA GLY D 327 16.91 16.99 -10.25
C GLY D 327 16.32 15.65 -10.56
N ARG D 328 17.19 14.67 -10.74
CA ARG D 328 16.91 13.57 -11.68
C ARG D 328 16.22 12.35 -11.13
N VAL D 329 15.20 12.55 -10.29
CA VAL D 329 14.61 11.49 -9.49
C VAL D 329 13.15 11.84 -9.39
N GLU D 330 12.31 10.88 -9.06
CA GLU D 330 10.90 11.23 -8.76
C GLU D 330 10.30 10.20 -7.80
N ARG D 331 9.25 10.68 -7.13
CA ARG D 331 8.39 9.98 -6.22
C ARG D 331 7.93 8.88 -7.07
N VAL D 332 8.24 7.66 -6.62
CA VAL D 332 7.97 6.41 -7.32
C VAL D 332 6.49 6.37 -7.65
#